data_2AZ4
#
_entry.id   2AZ4
#
_cell.length_a   57.996
_cell.length_b   74.182
_cell.length_c   214.624
_cell.angle_alpha   90.00
_cell.angle_beta   90.00
_cell.angle_gamma   90.00
#
_symmetry.space_group_name_H-M   'P 21 21 21'
#
loop_
_entity.id
_entity.type
_entity.pdbx_description
1 polymer 'hypothetical protein EF2904'
2 non-polymer 'ZINC ION'
3 water water
#
_entity_poly.entity_id   1
_entity_poly.type   'polypeptide(L)'
_entity_poly.pdbx_seq_one_letter_code
;MESKAKTTVTFHSGILTIGGTVIEVAYKDAHIFFDFGTEFRPELDLPDDHIETLINNRLVPELKDLYDPRLGYEYHGAED
KDYQHTAVFLSHAHLDHSRMINYLDPAVPLYTLKETKMILNSLNRKGDFLIPSPFEEKNFTREMIGLNKNDVIKVGEISV
EIVPVDHDAYGASALLIRTPDHFITYTGDLRLHGHNREETLAFCEKAKHTELLMMEGVSISFPEREPDPAQIAVVSEEDL
VQHLVRLELENPNRQITFNGYPANVERFAKIIEKSPRTVVLEANMAALLLEVFGIEVRYYYAESGKIPELNPALEIPYDT
LLKDKTDYLWQVVNQFDNLQEGSLYIHSDAQPLGDFDPQYRVFLDLLAKKDITFVRLACSGHAIPEDLDKIIALIEPQVL
VPIHTLKPEKLENPYGERILPERGEQIVL
;
_entity_poly.pdbx_strand_id   A,B
#
# COMPACT_ATOMS: atom_id res chain seq x y z
N ALA A 5 34.45 -17.77 25.45
CA ALA A 5 33.22 -17.44 26.23
C ALA A 5 31.97 -17.57 25.35
N LYS A 6 30.94 -18.18 25.91
CA LYS A 6 29.72 -18.45 25.18
C LYS A 6 28.73 -17.28 25.29
N THR A 7 27.93 -17.10 24.26
CA THR A 7 26.79 -16.18 24.29
C THR A 7 25.57 -17.09 24.53
N THR A 8 24.86 -16.87 25.62
CA THR A 8 23.68 -17.70 25.91
C THR A 8 22.39 -16.87 25.87
N VAL A 9 21.39 -17.38 25.16
CA VAL A 9 20.05 -16.82 25.10
C VAL A 9 19.08 -17.73 25.88
N THR A 10 18.33 -17.15 26.83
CA THR A 10 17.41 -17.91 27.66
C THR A 10 16.02 -17.36 27.50
N PHE A 11 15.07 -18.23 27.22
CA PHE A 11 13.66 -17.87 27.06
C PHE A 11 12.91 -18.08 28.36
N HIS A 12 13.05 -17.09 29.24
CA HIS A 12 12.48 -17.16 30.59
C HIS A 12 10.98 -17.21 30.63
N SER A 13 10.30 -16.50 29.72
CA SER A 13 8.87 -16.25 29.86
C SER A 13 8.24 -15.86 28.55
N GLY A 14 6.93 -16.01 28.44
CA GLY A 14 6.23 -15.51 27.25
C GLY A 14 6.08 -16.50 26.12
N ILE A 15 6.37 -17.77 26.38
CA ILE A 15 6.33 -18.84 25.35
C ILE A 15 4.93 -19.46 25.22
N LEU A 16 4.42 -19.48 23.98
CA LEU A 16 3.07 -20.01 23.69
C LEU A 16 1.98 -19.20 24.40
N THR A 17 2.18 -17.89 24.38
CA THR A 17 1.24 -16.97 24.93
C THR A 17 1.58 -15.60 24.34
N ILE A 18 0.58 -14.78 24.12
CA ILE A 18 0.84 -13.48 23.54
C ILE A 18 0.97 -12.48 24.67
N GLY A 19 2.17 -12.38 25.23
CA GLY A 19 2.43 -11.47 26.32
C GLY A 19 3.42 -12.03 27.31
N GLY A 20 4.27 -11.16 27.83
CA GLY A 20 5.19 -11.57 28.89
C GLY A 20 6.48 -12.17 28.39
N THR A 21 6.87 -11.86 27.15
CA THR A 21 8.21 -12.20 26.65
C THR A 21 9.30 -11.63 27.53
N VAL A 22 10.12 -12.50 28.11
CA VAL A 22 11.29 -12.05 28.82
C VAL A 22 12.41 -12.97 28.37
N ILE A 23 13.36 -12.39 27.66
CA ILE A 23 14.49 -13.13 27.16
C ILE A 23 15.72 -12.50 27.75
N GLU A 24 16.67 -13.36 28.09
CA GLU A 24 17.99 -12.96 28.55
C GLU A 24 19.05 -13.30 27.52
N VAL A 25 19.96 -12.36 27.33
CA VAL A 25 21.15 -12.59 26.53
C VAL A 25 22.32 -12.31 27.44
N ALA A 26 23.17 -13.31 27.61
CA ALA A 26 24.32 -13.22 28.51
C ALA A 26 25.65 -13.56 27.83
N TYR A 27 26.68 -12.79 28.21
CA TYR A 27 28.03 -12.93 27.71
C TYR A 27 29.01 -12.41 28.77
N LYS A 28 29.92 -13.30 29.18
CA LYS A 28 30.87 -13.05 30.28
C LYS A 28 30.13 -12.54 31.51
N ASP A 29 30.54 -11.41 32.08
CA ASP A 29 29.87 -10.86 33.25
C ASP A 29 28.78 -9.81 32.93
N ALA A 30 28.26 -9.86 31.72
CA ALA A 30 27.13 -8.99 31.38
C ALA A 30 25.91 -9.77 30.90
N HIS A 31 24.73 -9.22 31.19
CA HIS A 31 23.50 -9.76 30.62
C HIS A 31 22.44 -8.69 30.44
N ILE A 32 21.62 -8.89 29.43
CA ILE A 32 20.49 -8.02 29.12
C ILE A 32 19.20 -8.81 29.10
N PHE A 33 18.09 -8.12 29.34
CA PHE A 33 16.77 -8.73 29.34
C PHE A 33 15.86 -7.82 28.52
N PHE A 34 14.81 -8.43 27.95
CA PHE A 34 13.77 -7.75 27.17
C PHE A 34 12.66 -8.76 26.88
N ASP A 35 11.40 -8.32 26.88
CA ASP A 35 10.97 -7.05 27.46
C ASP A 35 10.71 -7.29 28.96
N PHE A 36 9.62 -6.75 29.51
CA PHE A 36 9.37 -6.83 30.96
C PHE A 36 7.87 -6.70 31.32
N GLY A 37 7.02 -7.46 30.63
CA GLY A 37 5.62 -7.53 30.96
C GLY A 37 5.36 -8.83 31.69
N THR A 38 4.10 -9.12 31.97
CA THR A 38 3.72 -10.37 32.58
C THR A 38 2.97 -11.19 31.55
N GLU A 39 2.92 -12.50 31.74
CA GLU A 39 1.97 -13.31 30.96
C GLU A 39 0.56 -13.03 31.45
N PHE A 40 -0.43 -13.30 30.60
CA PHE A 40 -1.84 -13.21 30.98
C PHE A 40 -2.56 -14.52 30.63
N ARG A 41 -3.21 -15.09 31.65
CA ARG A 41 -3.92 -16.36 31.58
C ARG A 41 -5.34 -16.03 31.96
N PRO A 42 -6.19 -15.72 30.96
CA PRO A 42 -7.56 -15.26 31.18
C PRO A 42 -8.45 -16.23 31.98
N GLU A 43 -8.11 -17.52 32.00
CA GLU A 43 -8.85 -18.52 32.80
C GLU A 43 -8.45 -18.57 34.28
N LEU A 44 -7.39 -17.84 34.62
CA LEU A 44 -6.90 -17.72 35.98
C LEU A 44 -7.38 -16.41 36.59
N ASP A 45 -7.85 -16.48 37.83
CA ASP A 45 -8.16 -15.26 38.56
C ASP A 45 -7.30 -15.24 39.79
N LEU A 46 -6.62 -14.12 40.00
CA LEU A 46 -5.69 -13.95 41.09
C LEU A 46 -6.13 -12.77 41.94
N PRO A 47 -5.95 -12.85 43.28
CA PRO A 47 -6.43 -11.79 44.16
C PRO A 47 -5.56 -10.53 44.15
N ASP A 48 -4.35 -10.62 43.59
CA ASP A 48 -3.36 -9.52 43.65
C ASP A 48 -2.22 -9.72 42.63
N ASP A 49 -1.37 -8.70 42.49
CA ASP A 49 -0.19 -8.72 41.61
C ASP A 49 1.12 -8.72 42.40
N HIS A 50 1.04 -9.10 43.67
CA HIS A 50 2.25 -9.31 44.46
C HIS A 50 3.20 -10.23 43.70
N ILE A 51 4.50 -9.94 43.75
CA ILE A 51 5.50 -10.75 43.04
C ILE A 51 5.36 -12.27 43.30
N GLU A 52 5.14 -12.66 44.55
CA GLU A 52 4.98 -14.08 44.92
C GLU A 52 3.79 -14.73 44.22
N THR A 53 2.70 -13.98 44.10
CA THR A 53 1.50 -14.45 43.45
C THR A 53 1.79 -14.68 41.98
N LEU A 54 2.49 -13.73 41.36
CA LEU A 54 2.87 -13.82 39.96
C LEU A 54 3.88 -14.95 39.72
N ILE A 55 4.82 -15.11 40.65
CA ILE A 55 5.81 -16.18 40.58
C ILE A 55 5.08 -17.54 40.67
N ASN A 56 4.31 -17.73 41.75
CA ASN A 56 3.55 -18.97 42.03
C ASN A 56 2.60 -19.37 40.90
N ASN A 57 2.09 -18.39 40.18
CA ASN A 57 1.19 -18.66 39.06
C ASN A 57 1.88 -18.65 37.71
N ARG A 58 3.21 -18.57 37.74
CA ARG A 58 4.02 -18.61 36.53
C ARG A 58 3.72 -17.48 35.55
N LEU A 59 3.24 -16.34 36.06
CA LEU A 59 2.99 -15.22 35.15
C LEU A 59 4.24 -14.37 34.91
N VAL A 60 5.21 -14.48 35.82
CA VAL A 60 6.50 -13.84 35.63
C VAL A 60 7.53 -14.94 35.91
N PRO A 61 8.75 -14.80 35.35
CA PRO A 61 9.73 -15.85 35.60
C PRO A 61 10.49 -15.64 36.91
N GLU A 62 11.07 -16.72 37.44
CA GLU A 62 12.06 -16.67 38.51
C GLU A 62 13.33 -16.09 37.95
N LEU A 63 13.83 -15.02 38.55
CA LEU A 63 15.00 -14.35 38.01
C LEU A 63 15.94 -13.97 39.15
N LYS A 64 17.24 -14.14 38.92
CA LYS A 64 18.19 -13.89 39.98
C LYS A 64 18.68 -12.47 39.87
N ASP A 65 18.65 -11.75 41.00
CA ASP A 65 19.22 -10.40 41.13
C ASP A 65 18.80 -9.45 40.01
N LEU A 66 17.49 -9.41 39.78
CA LEU A 66 16.88 -8.50 38.82
C LEU A 66 15.67 -7.77 39.43
N TYR A 67 14.87 -8.47 40.24
CA TYR A 67 13.71 -7.82 40.83
C TYR A 67 14.15 -6.92 41.98
N ASP A 68 13.39 -5.86 42.23
CA ASP A 68 13.69 -4.89 43.30
C ASP A 68 13.84 -5.70 44.60
N PRO A 69 15.03 -5.67 45.21
CA PRO A 69 15.23 -6.46 46.44
C PRO A 69 14.23 -6.16 47.56
N ARG A 70 13.73 -4.92 47.62
CA ARG A 70 12.79 -4.51 48.68
C ARG A 70 11.50 -5.33 48.66
N LEU A 71 11.21 -5.95 47.52
CA LEU A 71 10.02 -6.80 47.40
C LEU A 71 10.14 -8.07 48.26
N GLY A 72 11.37 -8.40 48.65
CA GLY A 72 11.58 -9.58 49.49
C GLY A 72 11.35 -10.89 48.77
N TYR A 73 11.50 -10.85 47.44
CA TYR A 73 11.44 -12.08 46.64
C TYR A 73 12.75 -12.81 46.83
N GLU A 74 12.70 -14.12 46.99
CA GLU A 74 13.92 -14.93 47.10
C GLU A 74 14.04 -15.85 45.90
N TYR A 75 15.07 -15.61 45.08
CA TYR A 75 15.30 -16.42 43.88
C TYR A 75 15.67 -17.85 44.20
N HIS A 76 14.97 -18.78 43.55
CA HIS A 76 15.36 -20.19 43.54
C HIS A 76 15.36 -20.74 42.11
N GLY A 77 16.50 -21.33 41.76
CA GLY A 77 16.67 -21.87 40.42
C GLY A 77 18.11 -22.22 40.17
N ALA A 78 18.42 -22.51 38.91
CA ALA A 78 19.72 -23.05 38.52
C ALA A 78 20.80 -21.98 38.36
N GLU A 79 20.40 -20.70 38.27
CA GLU A 79 21.34 -19.62 37.94
C GLU A 79 22.46 -19.52 38.99
N ASP A 80 23.69 -19.64 38.50
CA ASP A 80 24.87 -19.77 39.37
C ASP A 80 25.96 -18.73 39.11
N LYS A 81 25.65 -17.74 38.26
CA LYS A 81 26.59 -16.68 37.93
C LYS A 81 26.11 -15.34 38.46
N ASP A 82 27.08 -14.53 38.90
CA ASP A 82 26.87 -13.12 39.23
C ASP A 82 27.28 -12.30 38.02
N TYR A 83 26.57 -11.19 37.80
CA TYR A 83 26.88 -10.33 36.66
C TYR A 83 27.28 -8.93 37.12
N GLN A 84 28.35 -8.40 36.53
CA GLN A 84 28.79 -7.03 36.84
C GLN A 84 27.96 -5.98 36.13
N HIS A 85 27.40 -6.34 34.97
CA HIS A 85 26.66 -5.40 34.10
C HIS A 85 25.32 -5.98 33.72
N THR A 86 24.25 -5.26 34.02
CA THR A 86 22.90 -5.73 33.77
C THR A 86 22.11 -4.57 33.19
N ALA A 87 21.22 -4.85 32.25
CA ALA A 87 20.31 -3.81 31.76
C ALA A 87 19.07 -4.42 31.16
N VAL A 88 18.01 -3.62 31.09
CA VAL A 88 16.75 -4.11 30.56
C VAL A 88 16.32 -3.16 29.47
N PHE A 89 15.77 -3.72 28.40
CA PHE A 89 15.29 -2.93 27.27
C PHE A 89 13.82 -3.18 27.09
N LEU A 90 13.11 -2.15 26.60
CA LEU A 90 11.68 -2.23 26.41
C LEU A 90 11.34 -1.83 24.98
N SER A 91 10.83 -2.79 24.21
CA SER A 91 10.56 -2.59 22.80
C SER A 91 9.53 -1.48 22.59
N HIS A 92 8.46 -1.49 23.38
CA HIS A 92 7.40 -0.50 23.30
C HIS A 92 6.50 -0.52 24.55
N ALA A 93 5.56 0.42 24.62
CA ALA A 93 4.75 0.68 25.82
C ALA A 93 3.63 -0.33 26.15
N HIS A 94 3.19 -1.08 25.15
CA HIS A 94 2.05 -1.99 25.35
C HIS A 94 2.18 -2.83 26.61
N LEU A 95 1.04 -3.06 27.26
CA LEU A 95 0.99 -3.72 28.57
C LEU A 95 1.73 -5.07 28.65
N ASP A 96 1.58 -5.86 27.57
CA ASP A 96 2.14 -7.22 27.48
C ASP A 96 3.66 -7.22 27.30
N HIS A 97 4.23 -6.01 27.18
CA HIS A 97 5.67 -5.78 27.17
C HIS A 97 6.19 -4.96 28.35
N SER A 98 5.32 -4.22 29.03
CA SER A 98 5.79 -3.23 30.04
C SER A 98 5.26 -3.42 31.48
N ARG A 99 4.25 -4.30 31.61
CA ARG A 99 3.39 -4.31 32.80
C ARG A 99 4.14 -4.32 34.13
N MET A 100 5.28 -5.02 34.21
CA MET A 100 5.95 -5.13 35.49
C MET A 100 7.20 -4.28 35.68
N ILE A 101 7.41 -3.24 34.87
CA ILE A 101 8.68 -2.50 34.98
C ILE A 101 8.91 -1.94 36.42
N ASN A 102 7.83 -1.67 37.16
CA ASN A 102 8.01 -1.13 38.52
C ASN A 102 8.63 -2.14 39.48
N TYR A 103 8.62 -3.41 39.09
CA TYR A 103 9.28 -4.44 39.90
C TYR A 103 10.77 -4.60 39.57
N LEU A 104 11.21 -3.95 38.50
CA LEU A 104 12.62 -3.97 38.13
C LEU A 104 13.45 -3.18 39.14
N ASP A 105 14.46 -3.84 39.71
CA ASP A 105 15.46 -3.20 40.56
C ASP A 105 15.83 -1.77 40.09
N PRO A 106 15.51 -0.74 40.90
CA PRO A 106 15.87 0.66 40.63
C PRO A 106 17.31 0.86 40.17
N ALA A 107 18.24 0.08 40.72
CA ALA A 107 19.66 0.14 40.32
C ALA A 107 19.96 -0.40 38.92
N VAL A 108 19.06 -1.20 38.36
CA VAL A 108 19.28 -1.72 37.01
C VAL A 108 18.70 -0.71 36.02
N PRO A 109 19.51 -0.22 35.05
CA PRO A 109 18.96 0.70 34.06
C PRO A 109 17.96 0.05 33.13
N LEU A 110 17.00 0.87 32.68
CA LEU A 110 15.90 0.44 31.82
C LEU A 110 15.90 1.40 30.63
N TYR A 111 16.06 0.82 29.44
CA TYR A 111 16.29 1.56 28.20
C TYR A 111 15.11 1.41 27.28
N THR A 112 14.75 2.49 26.63
CA THR A 112 13.66 2.43 25.69
C THR A 112 13.76 3.66 24.79
N LEU A 113 13.05 3.70 23.68
CA LEU A 113 13.08 4.96 22.93
C LEU A 113 12.34 6.01 23.76
N LYS A 114 12.81 7.26 23.69
CA LYS A 114 12.22 8.35 24.48
C LYS A 114 10.70 8.50 24.34
N GLU A 115 10.15 8.24 23.15
CA GLU A 115 8.71 8.34 22.93
C GLU A 115 7.92 7.26 23.71
N THR A 116 8.46 6.04 23.76
CA THR A 116 7.87 4.99 24.59
C THR A 116 7.78 5.43 26.06
N LYS A 117 8.85 6.05 26.55
CA LYS A 117 8.85 6.58 27.92
C LYS A 117 7.71 7.62 28.16
N MET A 118 7.55 8.57 27.22
CA MET A 118 6.44 9.54 27.24
C MET A 118 5.08 8.85 27.28
N ILE A 119 4.84 7.95 26.32
CA ILE A 119 3.59 7.16 26.22
C ILE A 119 3.25 6.47 27.54
N LEU A 120 4.21 5.73 28.06
CA LEU A 120 4.02 4.88 29.23
C LEU A 120 3.64 5.73 30.44
N ASN A 121 4.37 6.83 30.62
CA ASN A 121 4.11 7.70 31.76
C ASN A 121 2.70 8.30 31.71
N SER A 122 2.17 8.49 30.50
CA SER A 122 0.81 8.93 30.28
C SER A 122 -0.20 7.79 30.47
N LEU A 123 0.06 6.63 29.85
CA LEU A 123 -0.78 5.46 30.09
C LEU A 123 -0.96 5.20 31.59
N ASN A 124 0.10 5.44 32.37
CA ASN A 124 0.10 5.14 33.81
C ASN A 124 -0.13 6.33 34.75
N ARG A 125 -0.80 7.36 34.24
CA ARG A 125 -1.00 8.58 35.02
C ARG A 125 -1.85 8.33 36.26
N LYS A 126 -2.78 7.37 36.17
CA LYS A 126 -3.67 6.98 37.28
C LYS A 126 -3.18 5.73 38.01
N GLY A 127 -2.07 5.15 37.53
CA GLY A 127 -1.43 4.04 38.22
C GLY A 127 -2.21 2.76 38.13
N ASP A 128 -3.10 2.67 37.15
CA ASP A 128 -3.86 1.44 36.93
C ASP A 128 -3.46 0.72 35.64
N PHE A 129 -2.38 1.17 35.03
CA PHE A 129 -1.83 0.54 33.82
C PHE A 129 -0.72 -0.42 34.22
N LEU A 130 0.34 0.11 34.83
CA LEU A 130 1.44 -0.70 35.35
C LEU A 130 1.22 -1.13 36.81
N ILE A 131 1.73 -2.32 37.16
CA ILE A 131 1.76 -2.75 38.55
C ILE A 131 2.50 -1.69 39.38
N PRO A 132 1.86 -1.15 40.44
CA PRO A 132 2.54 -0.14 41.25
C PRO A 132 3.68 -0.74 42.04
N SER A 133 4.72 0.04 42.30
CA SER A 133 5.69 -0.37 43.28
C SER A 133 5.05 -0.20 44.67
N PRO A 134 5.18 -1.20 45.55
CA PRO A 134 4.59 -1.00 46.91
C PRO A 134 5.33 0.08 47.72
N PHE A 135 6.42 0.62 47.17
CA PHE A 135 7.23 1.62 47.87
C PHE A 135 7.10 3.02 47.30
N GLU A 136 6.10 3.22 46.45
CA GLU A 136 5.84 4.53 45.88
C GLU A 136 4.34 4.78 45.71
N GLU A 137 3.99 5.99 45.30
CA GLU A 137 2.60 6.35 45.01
C GLU A 137 2.08 5.45 43.91
N LYS A 138 0.77 5.22 43.89
CA LYS A 138 0.17 4.24 42.98
C LYS A 138 0.47 4.56 41.51
N ASN A 139 0.53 5.85 41.18
CA ASN A 139 0.84 6.28 39.81
C ASN A 139 2.32 6.57 39.51
N PHE A 140 3.21 6.23 40.45
CA PHE A 140 4.66 6.26 40.17
C PHE A 140 5.05 5.35 38.99
N THR A 141 5.89 5.86 38.09
CA THR A 141 6.52 5.03 37.06
C THR A 141 8.03 5.14 37.26
N ARG A 142 8.71 4.00 37.32
CA ARG A 142 10.15 3.98 37.53
C ARG A 142 10.94 4.66 36.39
N GLU A 143 12.20 4.99 36.67
CA GLU A 143 13.05 5.69 35.70
C GLU A 143 13.23 4.88 34.41
N MET A 144 13.22 5.57 33.27
CA MET A 144 13.58 5.00 31.97
C MET A 144 14.58 5.96 31.34
N ILE A 145 15.64 5.40 30.76
CA ILE A 145 16.58 6.19 29.94
C ILE A 145 16.01 6.25 28.53
N GLY A 146 15.41 7.39 28.19
CA GLY A 146 14.85 7.62 26.86
C GLY A 146 15.99 7.81 25.88
N LEU A 147 15.99 7.01 24.82
CA LEU A 147 17.02 7.01 23.79
C LEU A 147 16.47 7.50 22.45
N ASN A 148 17.38 7.83 21.54
CA ASN A 148 17.08 8.27 20.20
C ASN A 148 17.13 7.09 19.25
N LYS A 149 16.50 7.23 18.10
CA LYS A 149 16.52 6.15 17.14
C LYS A 149 17.96 5.73 16.78
N ASN A 150 18.15 4.41 16.71
CA ASN A 150 19.42 3.78 16.34
C ASN A 150 20.56 4.00 17.33
N ASP A 151 20.26 4.41 18.57
CA ASP A 151 21.31 4.53 19.60
C ASP A 151 21.85 3.15 19.93
N VAL A 152 23.13 3.09 20.28
CA VAL A 152 23.79 1.86 20.67
C VAL A 152 24.17 1.99 22.15
N ILE A 153 23.75 1.01 22.92
CA ILE A 153 24.10 0.91 24.33
C ILE A 153 25.05 -0.26 24.49
N LYS A 154 26.10 -0.05 25.31
CA LYS A 154 27.07 -1.05 25.66
C LYS A 154 26.92 -1.52 27.10
N VAL A 155 26.69 -2.83 27.25
CA VAL A 155 26.47 -3.44 28.56
C VAL A 155 27.56 -4.50 28.60
N GLY A 156 28.65 -4.18 29.31
CA GLY A 156 29.88 -4.97 29.18
C GLY A 156 30.26 -5.06 27.71
N GLU A 157 30.50 -6.29 27.25
CA GLU A 157 30.84 -6.52 25.85
C GLU A 157 29.62 -6.82 24.97
N ILE A 158 28.42 -6.63 25.51
CA ILE A 158 27.21 -6.69 24.70
C ILE A 158 26.86 -5.30 24.16
N SER A 159 26.62 -5.23 22.86
CA SER A 159 26.23 -3.99 22.22
C SER A 159 24.79 -4.11 21.68
N VAL A 160 23.95 -3.15 22.03
CA VAL A 160 22.52 -3.23 21.69
C VAL A 160 22.15 -1.98 20.94
N GLU A 161 21.68 -2.16 19.72
CA GLU A 161 21.17 -1.06 18.92
C GLU A 161 19.64 -1.07 18.97
N ILE A 162 19.06 0.09 19.31
CA ILE A 162 17.60 0.19 19.41
C ILE A 162 17.05 0.87 18.16
N VAL A 163 16.28 0.11 17.41
CA VAL A 163 15.97 0.52 16.04
C VAL A 163 14.46 0.69 15.95
N PRO A 164 13.97 1.82 15.43
CA PRO A 164 12.53 2.07 15.31
C PRO A 164 11.89 1.13 14.31
N VAL A 165 10.69 0.70 14.65
CA VAL A 165 9.95 -0.23 13.86
C VAL A 165 8.50 0.24 13.80
N ASP A 166 7.80 -0.04 12.71
CA ASP A 166 6.42 0.39 12.52
C ASP A 166 5.50 -0.53 13.35
N HIS A 167 4.75 0.07 14.27
CA HIS A 167 3.79 -0.67 15.13
C HIS A 167 2.70 0.36 15.54
N ASP A 168 1.57 -0.10 16.05
CA ASP A 168 0.52 0.84 16.44
C ASP A 168 0.80 1.51 17.80
N ALA A 169 1.90 1.14 18.48
CA ALA A 169 2.42 1.93 19.60
C ALA A 169 3.50 2.83 19.02
N TYR A 170 3.32 4.14 19.15
CA TYR A 170 4.35 5.10 18.74
C TYR A 170 5.61 4.88 19.61
N GLY A 171 6.78 5.01 18.99
CA GLY A 171 8.05 4.78 19.66
C GLY A 171 8.51 3.33 19.77
N ALA A 172 7.84 2.44 19.04
CA ALA A 172 8.13 1.01 19.04
C ALA A 172 9.47 0.75 18.38
N SER A 173 10.19 -0.25 18.92
CA SER A 173 11.54 -0.56 18.45
C SER A 173 11.81 -2.07 18.41
N ALA A 174 12.90 -2.42 17.72
CA ALA A 174 13.49 -3.74 17.68
C ALA A 174 14.92 -3.62 18.21
N LEU A 175 15.53 -4.74 18.58
CA LEU A 175 16.88 -4.67 19.15
C LEU A 175 17.80 -5.47 18.25
N LEU A 176 18.97 -4.88 17.93
CA LEU A 176 20.02 -5.60 17.25
C LEU A 176 21.11 -5.79 18.28
N ILE A 177 21.42 -7.04 18.58
CA ILE A 177 22.28 -7.38 19.72
C ILE A 177 23.59 -8.03 19.27
N ARG A 178 24.73 -7.45 19.65
CA ARG A 178 26.00 -8.05 19.28
C ARG A 178 26.87 -8.35 20.49
N THR A 179 27.42 -9.56 20.49
CA THR A 179 28.60 -9.90 21.31
C THR A 179 29.76 -10.08 20.30
N PRO A 180 31.02 -10.18 20.78
CA PRO A 180 32.12 -10.26 19.81
C PRO A 180 31.99 -11.32 18.69
N ASP A 181 31.31 -12.42 18.94
CA ASP A 181 31.20 -13.45 17.89
C ASP A 181 29.81 -13.61 17.30
N HIS A 182 28.82 -12.91 17.85
CA HIS A 182 27.42 -13.13 17.44
C HIS A 182 26.58 -11.90 17.23
N PHE A 183 25.60 -12.06 16.37
CA PHE A 183 24.67 -11.00 15.98
C PHE A 183 23.29 -11.63 15.99
N ILE A 184 22.44 -11.17 16.91
CA ILE A 184 21.07 -11.65 17.03
C ILE A 184 20.08 -10.49 17.06
N THR A 185 18.81 -10.76 16.80
CA THR A 185 17.84 -9.72 16.57
C THR A 185 16.51 -10.08 17.22
N TYR A 186 15.93 -9.12 17.91
CA TYR A 186 14.63 -9.24 18.54
C TYR A 186 13.71 -8.23 17.87
N THR A 187 12.64 -8.70 17.24
CA THR A 187 11.81 -7.79 16.42
C THR A 187 10.93 -6.86 17.23
N GLY A 188 10.61 -7.26 18.46
CA GLY A 188 9.51 -6.65 19.20
C GLY A 188 8.25 -6.96 18.42
N ASP A 189 7.26 -6.08 18.54
CA ASP A 189 6.06 -6.14 17.70
C ASP A 189 6.24 -5.20 16.53
N LEU A 190 5.73 -5.59 15.35
CA LEU A 190 5.92 -4.81 14.11
C LEU A 190 5.02 -5.17 12.94
N ARG A 191 4.99 -4.28 11.96
CA ARG A 191 4.10 -4.44 10.79
C ARG A 191 4.71 -3.69 9.62
N LEU A 192 4.09 -3.82 8.46
CA LEU A 192 4.54 -3.13 7.24
C LEU A 192 3.43 -2.28 6.60
N HIS A 193 2.32 -2.10 7.32
CA HIS A 193 1.20 -1.33 6.80
C HIS A 193 0.82 -0.11 7.68
N GLY A 194 1.72 0.34 8.54
CA GLY A 194 1.43 1.44 9.48
C GLY A 194 1.78 2.82 8.94
N HIS A 195 2.04 3.75 9.86
CA HIS A 195 2.36 5.12 9.52
C HIS A 195 3.73 5.23 8.87
N ASN A 196 4.64 4.34 9.26
CA ASN A 196 6.01 4.44 8.82
C ASN A 196 6.56 3.10 8.36
N ARG A 197 6.00 2.55 7.27
CA ARG A 197 6.44 1.22 6.79
C ARG A 197 7.96 1.15 6.52
N GLU A 198 8.53 2.29 6.14
CA GLU A 198 9.94 2.39 5.82
C GLU A 198 10.84 2.17 7.04
N GLU A 199 10.35 2.42 8.25
CA GLU A 199 11.17 2.10 9.45
C GLU A 199 11.32 0.60 9.60
N THR A 200 10.26 -0.16 9.33
CA THR A 200 10.35 -1.62 9.37
C THR A 200 11.30 -2.09 8.26
N LEU A 201 11.14 -1.53 7.05
CA LEU A 201 12.05 -1.85 5.95
C LEU A 201 13.52 -1.58 6.29
N ALA A 202 13.79 -0.38 6.83
CA ALA A 202 15.15 -0.04 7.26
C ALA A 202 15.66 -0.97 8.35
N PHE A 203 14.76 -1.47 9.19
CA PHE A 203 15.13 -2.43 10.23
C PHE A 203 15.59 -3.75 9.61
N CYS A 204 14.82 -4.24 8.63
CA CYS A 204 15.15 -5.50 7.94
C CYS A 204 16.54 -5.45 7.30
N GLU A 205 16.87 -4.30 6.71
CA GLU A 205 18.20 -4.07 6.12
C GLU A 205 19.32 -4.10 7.16
N LYS A 206 19.07 -3.53 8.32
CA LYS A 206 20.03 -3.59 9.42
C LYS A 206 20.14 -5.01 9.97
N ALA A 207 19.02 -5.73 9.90
CA ALA A 207 18.94 -7.07 10.49
C ALA A 207 19.44 -8.17 9.51
N LYS A 208 19.68 -7.78 8.26
CA LYS A 208 20.06 -8.74 7.21
C LYS A 208 21.08 -9.77 7.74
N HIS A 209 20.82 -11.05 7.53
CA HIS A 209 21.80 -12.13 7.79
C HIS A 209 22.07 -12.37 9.28
N THR A 210 21.15 -11.90 10.14
CA THR A 210 21.30 -12.12 11.57
C THR A 210 21.38 -13.60 11.89
N GLU A 211 22.19 -13.97 12.88
CA GLU A 211 22.35 -15.39 13.22
C GLU A 211 21.13 -15.94 13.91
N LEU A 212 20.40 -15.09 14.62
CA LEU A 212 19.25 -15.57 15.34
C LEU A 212 18.19 -14.46 15.39
N LEU A 213 17.10 -14.69 14.66
CA LEU A 213 15.98 -13.77 14.59
C LEU A 213 14.85 -14.22 15.50
N MET A 214 14.68 -13.51 16.61
CA MET A 214 13.60 -13.72 17.56
C MET A 214 12.42 -12.85 17.15
N MET A 215 11.40 -13.46 16.53
CA MET A 215 10.35 -12.74 15.82
C MET A 215 8.93 -13.09 16.26
N GLU A 216 8.10 -12.06 16.46
CA GLU A 216 6.70 -12.21 16.77
C GLU A 216 5.91 -12.96 15.68
N GLY A 217 4.83 -13.61 16.11
CA GLY A 217 3.93 -14.31 15.21
C GLY A 217 2.49 -14.14 15.65
N VAL A 218 2.10 -12.90 15.91
CA VAL A 218 0.78 -12.62 16.45
C VAL A 218 -0.34 -12.92 15.42
N SER A 219 -0.23 -12.36 14.22
CA SER A 219 -1.34 -12.45 13.26
C SER A 219 -1.66 -13.89 12.84
N ILE A 220 -0.64 -14.75 12.77
CA ILE A 220 -0.87 -16.17 12.43
C ILE A 220 -1.45 -17.01 13.60
N SER A 221 -1.58 -16.41 14.78
CA SER A 221 -2.08 -17.12 15.95
C SER A 221 -3.59 -17.33 15.93
N PHE A 222 -4.28 -16.55 15.10
CA PHE A 222 -5.73 -16.49 15.08
C PHE A 222 -6.19 -16.70 13.65
N PRO A 223 -6.97 -17.77 13.40
CA PRO A 223 -7.50 -18.03 12.06
C PRO A 223 -8.38 -16.88 11.56
N GLU A 224 -8.37 -16.63 10.26
CA GLU A 224 -9.27 -15.64 9.68
C GLU A 224 -10.72 -16.00 10.02
N ARG A 225 -11.45 -15.04 10.58
CA ARG A 225 -12.86 -15.21 10.93
C ARG A 225 -13.77 -14.89 9.75
N GLU A 226 -15.07 -15.15 9.92
CA GLU A 226 -16.09 -14.69 8.98
C GLU A 226 -16.29 -13.18 9.16
N PRO A 227 -16.51 -12.44 8.06
CA PRO A 227 -16.60 -10.97 8.10
C PRO A 227 -17.66 -10.41 9.06
N ASP A 228 -17.20 -9.56 9.97
CA ASP A 228 -18.05 -8.81 10.89
C ASP A 228 -18.77 -7.71 10.09
N PRO A 229 -20.12 -7.75 10.05
CA PRO A 229 -20.85 -6.73 9.27
C PRO A 229 -20.67 -5.30 9.82
N ALA A 230 -20.28 -5.16 11.08
CA ALA A 230 -20.02 -3.85 11.70
C ALA A 230 -18.65 -3.26 11.32
N GLN A 231 -17.81 -4.11 10.72
CA GLN A 231 -16.41 -3.82 10.42
C GLN A 231 -16.15 -3.42 8.96
N ILE A 232 -15.43 -2.32 8.79
CA ILE A 232 -14.89 -1.89 7.48
C ILE A 232 -13.54 -2.59 7.29
N ALA A 233 -13.32 -3.19 6.12
CA ALA A 233 -12.02 -3.79 5.82
C ALA A 233 -11.01 -2.69 5.49
N VAL A 234 -9.95 -2.60 6.31
CA VAL A 234 -8.97 -1.53 6.28
C VAL A 234 -7.64 -2.20 5.97
N VAL A 235 -6.82 -1.60 5.12
CA VAL A 235 -5.56 -2.20 4.67
C VAL A 235 -4.27 -1.48 5.16
N SER A 236 -4.43 -0.32 5.79
CA SER A 236 -3.29 0.49 6.28
C SER A 236 -3.83 1.63 7.15
N GLU A 237 -2.93 2.25 7.92
CA GLU A 237 -3.30 3.43 8.72
C GLU A 237 -3.82 4.59 7.84
N GLU A 238 -3.15 4.83 6.72
CA GLU A 238 -3.61 5.83 5.74
C GLU A 238 -5.01 5.54 5.21
N ASP A 239 -5.26 4.26 4.90
CA ASP A 239 -6.57 3.80 4.46
C ASP A 239 -7.61 4.01 5.58
N LEU A 240 -7.24 3.72 6.83
CA LEU A 240 -8.12 3.97 7.97
C LEU A 240 -8.61 5.43 8.01
N VAL A 241 -7.69 6.39 7.87
CA VAL A 241 -8.08 7.82 7.96
C VAL A 241 -8.96 8.28 6.78
N GLN A 242 -8.71 7.75 5.58
CA GLN A 242 -9.55 8.03 4.40
C GLN A 242 -10.98 7.54 4.60
N HIS A 243 -11.12 6.36 5.20
CA HIS A 243 -12.43 5.83 5.59
C HIS A 243 -13.13 6.75 6.60
N LEU A 244 -12.39 7.21 7.62
CA LEU A 244 -12.92 8.18 8.58
C LEU A 244 -13.42 9.46 7.89
N VAL A 245 -12.61 9.97 6.95
CA VAL A 245 -13.00 11.14 6.15
C VAL A 245 -14.30 10.86 5.40
N ARG A 246 -14.33 9.74 4.67
CA ARG A 246 -15.55 9.31 3.97
C ARG A 246 -16.75 9.28 4.93
N LEU A 247 -16.57 8.66 6.08
CA LEU A 247 -17.67 8.56 7.04
C LEU A 247 -18.18 9.94 7.48
N GLU A 248 -17.27 10.91 7.63
CA GLU A 248 -17.67 12.27 7.96
C GLU A 248 -18.47 12.94 6.83
N LEU A 249 -18.00 12.79 5.60
CA LEU A 249 -18.65 13.43 4.45
C LEU A 249 -19.99 12.82 4.09
N GLU A 250 -20.18 11.56 4.43
CA GLU A 250 -21.47 10.91 4.24
C GLU A 250 -22.47 11.33 5.34
N ASN A 251 -21.98 11.93 6.42
CA ASN A 251 -22.84 12.32 7.55
C ASN A 251 -22.65 13.77 8.02
N PRO A 252 -22.96 14.74 7.14
CA PRO A 252 -22.76 16.17 7.44
C PRO A 252 -23.69 16.75 8.52
N ASN A 253 -24.78 16.06 8.85
CA ASN A 253 -25.74 16.54 9.84
C ASN A 253 -26.06 15.42 10.81
N ARG A 254 -25.18 15.24 11.78
CA ARG A 254 -25.19 14.07 12.63
C ARG A 254 -24.04 14.19 13.66
N GLN A 255 -24.33 13.84 14.89
CA GLN A 255 -23.27 13.71 15.87
C GLN A 255 -22.36 12.59 15.43
N ILE A 256 -21.05 12.87 15.39
CA ILE A 256 -20.05 11.82 15.15
C ILE A 256 -18.97 11.85 16.22
N THR A 257 -18.70 10.69 16.81
CA THR A 257 -17.70 10.56 17.85
C THR A 257 -16.83 9.35 17.57
N PHE A 258 -15.70 9.23 18.26
CA PHE A 258 -14.82 8.12 18.02
C PHE A 258 -14.00 7.87 19.27
N ASN A 259 -13.23 6.80 19.26
CA ASN A 259 -12.18 6.60 20.25
C ASN A 259 -11.10 5.72 19.68
N GLY A 260 -9.89 5.83 20.23
CA GLY A 260 -8.78 5.02 19.77
C GLY A 260 -7.97 4.65 21.01
N TYR A 261 -6.86 3.97 20.80
CA TYR A 261 -6.05 3.56 21.93
C TYR A 261 -4.92 4.58 22.06
N PRO A 262 -4.67 5.14 23.26
CA PRO A 262 -3.77 6.31 23.37
C PRO A 262 -2.31 6.13 22.92
N ALA A 263 -1.79 4.92 22.99
CA ALA A 263 -0.43 4.66 22.50
C ALA A 263 -0.29 4.88 20.98
N ASN A 264 -1.39 4.83 20.24
CA ASN A 264 -1.36 5.12 18.80
C ASN A 264 -1.48 6.61 18.50
N VAL A 265 -0.47 7.36 18.92
CA VAL A 265 -0.54 8.81 18.89
C VAL A 265 -0.60 9.32 17.45
N GLU A 266 0.09 8.63 16.55
CA GLU A 266 0.11 9.04 15.14
C GLU A 266 -1.23 8.90 14.44
N ARG A 267 -2.02 7.91 14.84
CA ARG A 267 -3.37 7.81 14.29
C ARG A 267 -4.18 9.04 14.71
N PHE A 268 -4.11 9.44 15.98
CA PHE A 268 -4.79 10.67 16.43
C PHE A 268 -4.30 11.88 15.65
N ALA A 269 -2.98 12.02 15.55
CA ALA A 269 -2.35 13.06 14.73
C ALA A 269 -2.87 13.10 13.30
N LYS A 270 -2.96 11.93 12.65
CA LYS A 270 -3.49 11.86 11.27
C LYS A 270 -4.95 12.23 11.16
N ILE A 271 -5.75 11.79 12.13
CA ILE A 271 -7.15 12.16 12.15
C ILE A 271 -7.28 13.70 12.21
N ILE A 272 -6.55 14.32 13.13
CA ILE A 272 -6.51 15.79 13.24
C ILE A 272 -6.11 16.45 11.92
N GLU A 273 -5.12 15.87 11.23
CA GLU A 273 -4.60 16.38 9.95
C GLU A 273 -5.67 16.39 8.87
N LYS A 274 -6.45 15.31 8.78
CA LYS A 274 -7.32 15.10 7.63
C LYS A 274 -8.82 15.29 7.87
N SER A 275 -9.25 15.24 9.13
CA SER A 275 -10.66 15.33 9.48
C SER A 275 -11.32 16.62 8.96
N PRO A 276 -12.37 16.48 8.11
CA PRO A 276 -13.07 17.69 7.64
C PRO A 276 -13.64 18.52 8.80
N ARG A 277 -14.18 17.84 9.82
CA ARG A 277 -14.69 18.52 11.02
C ARG A 277 -13.55 18.78 11.99
N THR A 278 -13.63 19.89 12.72
CA THR A 278 -12.73 20.18 13.81
C THR A 278 -12.73 19.04 14.83
N VAL A 279 -11.55 18.52 15.12
CA VAL A 279 -11.40 17.45 16.09
C VAL A 279 -11.28 17.99 17.50
N VAL A 280 -11.94 17.31 18.45
CA VAL A 280 -11.85 17.64 19.88
C VAL A 280 -11.51 16.36 20.65
N LEU A 281 -10.41 16.38 21.38
CA LEU A 281 -9.99 15.17 22.11
C LEU A 281 -10.24 15.32 23.62
N GLU A 282 -10.30 14.18 24.33
CA GLU A 282 -10.29 14.21 25.78
C GLU A 282 -8.96 14.84 26.18
N ALA A 283 -8.93 15.56 27.30
CA ALA A 283 -7.77 16.39 27.68
C ALA A 283 -6.43 15.68 27.79
N ASN A 284 -6.41 14.48 28.37
CA ASN A 284 -5.16 13.72 28.59
C ASN A 284 -4.60 13.26 27.27
N MET A 285 -5.48 12.95 26.32
CA MET A 285 -5.05 12.61 24.97
C MET A 285 -4.45 13.83 24.24
N ALA A 286 -5.11 14.98 24.37
CA ALA A 286 -4.58 16.24 23.84
C ALA A 286 -3.22 16.53 24.44
N ALA A 287 -3.08 16.32 25.75
CA ALA A 287 -1.84 16.62 26.43
C ALA A 287 -0.68 15.74 25.94
N LEU A 288 -0.95 14.45 25.78
CA LEU A 288 0.02 13.50 25.20
C LEU A 288 0.45 13.92 23.79
N LEU A 289 -0.53 14.33 22.99
CA LEU A 289 -0.25 14.78 21.64
C LEU A 289 0.67 16.00 21.62
N LEU A 290 0.43 16.89 22.57
CA LEU A 290 1.22 18.11 22.72
C LEU A 290 2.62 17.71 23.14
N GLU A 291 2.72 16.78 24.07
CA GLU A 291 4.02 16.35 24.58
C GLU A 291 4.90 15.69 23.51
N VAL A 292 4.30 14.76 22.76
CA VAL A 292 4.98 13.98 21.73
C VAL A 292 5.24 14.74 20.43
N PHE A 293 4.24 15.48 19.93
CA PHE A 293 4.31 16.13 18.61
C PHE A 293 4.29 17.65 18.60
N GLY A 294 4.05 18.27 19.75
CA GLY A 294 3.83 19.72 19.81
C GLY A 294 2.54 20.15 19.14
N ILE A 295 1.63 19.21 18.91
CA ILE A 295 0.37 19.52 18.25
C ILE A 295 -0.65 20.02 19.27
N GLU A 296 -1.32 21.12 18.94
CA GLU A 296 -2.30 21.70 19.82
C GLU A 296 -3.66 21.52 19.20
N VAL A 297 -4.50 20.76 19.88
CA VAL A 297 -5.84 20.45 19.38
C VAL A 297 -6.84 20.89 20.45
N ARG A 298 -8.07 21.15 20.05
CA ARG A 298 -9.19 21.41 20.98
C ARG A 298 -9.45 20.16 21.83
N TYR A 299 -9.98 20.38 23.04
CA TYR A 299 -10.13 19.30 23.99
C TYR A 299 -11.24 19.58 24.97
N TYR A 300 -11.68 18.53 25.66
CA TYR A 300 -12.61 18.65 26.78
C TYR A 300 -12.07 17.81 27.93
N TYR A 301 -12.42 18.22 29.14
CA TYR A 301 -12.07 17.48 30.34
C TYR A 301 -13.12 16.44 30.66
N ALA A 302 -12.68 15.20 30.85
CA ALA A 302 -13.55 14.14 31.34
C ALA A 302 -13.26 13.89 32.83
N GLU A 303 -12.43 14.74 33.42
CA GLU A 303 -12.05 14.63 34.82
C GLU A 303 -11.99 16.04 35.43
N SER A 304 -11.98 16.12 36.75
CA SER A 304 -11.85 17.41 37.42
C SER A 304 -10.39 17.92 37.45
N GLY A 305 -10.23 19.23 37.62
CA GLY A 305 -8.90 19.82 37.63
C GLY A 305 -8.51 20.27 36.24
N LYS A 306 -7.24 20.66 36.11
CA LYS A 306 -6.70 21.28 34.91
C LYS A 306 -5.36 20.63 34.64
N ILE A 307 -5.03 20.49 33.37
CA ILE A 307 -3.67 20.10 33.00
C ILE A 307 -2.96 21.39 32.60
N PRO A 308 -1.91 21.77 33.34
CA PRO A 308 -1.27 23.10 33.15
C PRO A 308 -0.75 23.38 31.72
N GLU A 309 -0.33 22.33 31.02
CA GLU A 309 0.32 22.44 29.71
C GLU A 309 -0.62 22.91 28.63
N LEU A 310 -1.90 22.64 28.84
CA LEU A 310 -2.92 22.89 27.84
C LEU A 310 -3.28 24.37 27.84
N ASN A 311 -3.55 24.89 26.65
CA ASN A 311 -4.08 26.23 26.47
C ASN A 311 -5.55 26.26 26.87
N PRO A 312 -5.88 27.03 27.93
CA PRO A 312 -7.27 27.13 28.41
C PRO A 312 -8.25 27.57 27.32
N ALA A 313 -7.79 28.35 26.36
CA ALA A 313 -8.65 28.85 25.28
C ALA A 313 -9.04 27.79 24.24
N LEU A 314 -8.42 26.61 24.33
CA LEU A 314 -8.73 25.54 23.39
C LEU A 314 -9.70 24.53 24.01
N GLU A 315 -10.23 24.87 25.18
CA GLU A 315 -11.15 23.97 25.86
C GLU A 315 -12.52 24.19 25.29
N ILE A 316 -13.19 23.08 25.01
CA ILE A 316 -14.59 23.09 24.62
C ILE A 316 -15.38 22.45 25.77
N PRO A 317 -16.47 23.11 26.22
CA PRO A 317 -17.26 22.46 27.28
C PRO A 317 -17.90 21.16 26.78
N TYR A 318 -17.85 20.12 27.63
CA TYR A 318 -18.54 18.87 27.35
C TYR A 318 -20.01 19.09 26.90
N ASP A 319 -20.69 19.99 27.59
CA ASP A 319 -22.09 20.36 27.32
C ASP A 319 -22.29 20.82 25.86
N THR A 320 -21.33 21.58 25.33
CA THR A 320 -21.34 22.00 23.93
C THR A 320 -21.15 20.83 22.97
N LEU A 321 -20.22 19.93 23.29
CA LEU A 321 -19.98 18.76 22.45
C LEU A 321 -21.22 17.90 22.30
N LEU A 322 -21.94 17.73 23.41
CA LEU A 322 -23.12 16.88 23.42
C LEU A 322 -24.21 17.38 22.47
N LYS A 323 -24.26 18.69 22.25
CA LYS A 323 -25.27 19.31 21.37
C LYS A 323 -24.89 19.30 19.89
N ASP A 324 -23.63 18.99 19.58
CA ASP A 324 -23.14 19.17 18.22
C ASP A 324 -23.65 18.13 17.21
N LYS A 325 -23.93 18.60 15.99
CA LYS A 325 -24.33 17.73 14.88
C LYS A 325 -23.57 18.03 13.60
N THR A 326 -22.76 19.08 13.61
CA THR A 326 -22.15 19.53 12.35
C THR A 326 -20.67 19.87 12.41
N ASP A 327 -20.20 20.35 13.56
CA ASP A 327 -18.91 21.04 13.65
C ASP A 327 -17.77 20.18 14.14
N TYR A 328 -18.06 19.22 15.02
CA TYR A 328 -16.98 18.46 15.63
C TYR A 328 -17.00 16.96 15.34
N LEU A 329 -15.79 16.40 15.28
CA LEU A 329 -15.60 14.99 15.48
C LEU A 329 -14.91 14.94 16.84
N TRP A 330 -15.55 14.33 17.84
CA TRP A 330 -14.94 14.31 19.17
C TRP A 330 -14.74 12.94 19.80
N GLN A 331 -13.75 12.85 20.69
CA GLN A 331 -13.37 11.59 21.27
C GLN A 331 -14.27 11.31 22.47
N VAL A 332 -15.11 10.28 22.39
CA VAL A 332 -15.94 9.92 23.55
C VAL A 332 -15.29 8.76 24.30
N VAL A 333 -15.16 8.89 25.62
CA VAL A 333 -14.44 7.91 26.45
C VAL A 333 -15.29 7.26 27.55
N ASN A 334 -16.43 7.87 27.86
CA ASN A 334 -17.39 7.40 28.85
C ASN A 334 -18.71 8.17 28.72
N GLN A 335 -19.61 7.95 29.69
CA GLN A 335 -20.96 8.51 29.66
C GLN A 335 -21.63 8.34 28.32
N PHE A 336 -21.62 7.12 27.78
CA PHE A 336 -22.13 6.92 26.41
C PHE A 336 -23.63 7.15 26.34
N ASP A 337 -24.30 7.10 27.50
CA ASP A 337 -25.76 7.31 27.59
C ASP A 337 -26.16 8.74 27.23
N ASN A 338 -25.17 9.64 27.12
CA ASN A 338 -25.44 11.04 26.76
C ASN A 338 -25.36 11.37 25.27
N LEU A 339 -24.88 10.42 24.48
CA LEU A 339 -24.74 10.62 23.05
C LEU A 339 -26.13 10.66 22.45
N GLN A 340 -26.25 11.30 21.31
CA GLN A 340 -27.55 11.45 20.70
C GLN A 340 -28.02 10.16 20.04
N GLU A 341 -29.32 9.92 20.16
CA GLU A 341 -30.00 8.89 19.39
C GLU A 341 -29.81 9.14 17.91
N GLY A 342 -29.43 8.09 17.19
CA GLY A 342 -29.20 8.16 15.76
C GLY A 342 -27.80 8.63 15.37
N SER A 343 -26.95 8.86 16.36
CA SER A 343 -25.60 9.35 16.05
C SER A 343 -24.65 8.21 15.58
N LEU A 344 -23.43 8.57 15.22
CA LEU A 344 -22.44 7.64 14.70
C LEU A 344 -21.27 7.58 15.64
N TYR A 345 -20.85 6.38 16.02
CA TYR A 345 -19.66 6.20 16.85
C TYR A 345 -18.68 5.28 16.12
N ILE A 346 -17.45 5.74 16.00
CA ILE A 346 -16.41 5.02 15.28
C ILE A 346 -15.44 4.46 16.28
N HIS A 347 -15.41 3.14 16.36
CA HIS A 347 -14.59 2.42 17.32
C HIS A 347 -13.30 2.01 16.62
N SER A 348 -12.20 2.68 16.95
CA SER A 348 -10.95 2.50 16.21
C SER A 348 -9.85 1.98 17.11
N ASP A 349 -9.90 0.67 17.35
CA ASP A 349 -8.97 -0.04 18.22
C ASP A 349 -8.95 0.44 19.67
N ALA A 350 -10.03 1.11 20.09
CA ALA A 350 -10.19 1.42 21.51
C ALA A 350 -10.75 0.18 22.23
N GLN A 351 -10.63 0.19 23.56
CA GLN A 351 -11.30 -0.80 24.42
C GLN A 351 -12.80 -0.52 24.58
N PRO A 352 -13.65 -1.58 24.73
CA PRO A 352 -13.29 -3.00 24.67
C PRO A 352 -12.84 -3.40 23.27
N LEU A 353 -11.82 -4.24 23.19
CA LEU A 353 -11.14 -4.50 21.91
C LEU A 353 -11.96 -5.32 20.91
N GLY A 354 -12.61 -6.35 21.43
CA GLY A 354 -13.34 -7.28 20.57
C GLY A 354 -14.07 -8.29 21.41
N ASP A 355 -14.71 -9.23 20.73
CA ASP A 355 -15.73 -10.09 21.33
C ASP A 355 -15.15 -11.09 22.33
N PHE A 356 -13.83 -11.28 22.27
CA PHE A 356 -13.15 -12.04 23.31
C PHE A 356 -13.31 -11.35 24.70
N ASP A 357 -13.73 -10.09 24.69
CA ASP A 357 -13.93 -9.29 25.91
C ASP A 357 -15.43 -9.27 26.20
N PRO A 358 -15.85 -9.76 27.39
CA PRO A 358 -17.28 -9.77 27.76
C PRO A 358 -17.92 -8.37 27.77
N GLN A 359 -17.12 -7.34 28.02
CA GLN A 359 -17.59 -5.95 27.95
C GLN A 359 -18.02 -5.51 26.53
N TYR A 360 -17.47 -6.17 25.52
CA TYR A 360 -17.71 -5.80 24.13
C TYR A 360 -19.19 -5.89 23.81
N ARG A 361 -19.79 -7.04 24.09
CA ARG A 361 -21.24 -7.24 23.96
C ARG A 361 -22.09 -6.23 24.70
N VAL A 362 -21.77 -5.96 25.97
CA VAL A 362 -22.56 -5.00 26.73
C VAL A 362 -22.47 -3.59 26.14
N PHE A 363 -21.28 -3.23 25.66
CA PHE A 363 -21.05 -1.94 25.01
C PHE A 363 -21.93 -1.84 23.75
N LEU A 364 -21.85 -2.83 22.87
CA LEU A 364 -22.66 -2.82 21.64
C LEU A 364 -24.16 -2.84 21.94
N ASP A 365 -24.55 -3.59 22.98
CA ASP A 365 -25.94 -3.59 23.44
C ASP A 365 -26.38 -2.19 23.91
N LEU A 366 -25.55 -1.52 24.71
CA LEU A 366 -25.84 -0.14 25.13
C LEU A 366 -26.06 0.81 23.94
N LEU A 367 -25.15 0.74 22.96
CA LEU A 367 -25.24 1.60 21.80
C LEU A 367 -26.49 1.31 20.99
N ALA A 368 -26.79 0.02 20.81
CA ALA A 368 -27.96 -0.41 20.06
C ALA A 368 -29.25 0.19 20.61
N LYS A 369 -29.45 0.08 21.93
CA LYS A 369 -30.64 0.65 22.61
C LYS A 369 -30.84 2.13 22.35
N LYS A 370 -29.74 2.83 22.08
CA LYS A 370 -29.78 4.27 21.82
C LYS A 370 -29.84 4.59 20.33
N ASP A 371 -29.97 3.56 19.50
CA ASP A 371 -29.97 3.73 18.03
C ASP A 371 -28.68 4.49 17.59
N ILE A 372 -27.56 4.19 18.24
CA ILE A 372 -26.26 4.75 17.82
C ILE A 372 -25.63 3.73 16.90
N THR A 373 -25.36 4.13 15.66
CA THR A 373 -24.63 3.27 14.73
C THR A 373 -23.18 3.05 15.17
N PHE A 374 -22.81 1.78 15.36
CA PHE A 374 -21.46 1.41 15.78
C PHE A 374 -20.69 0.97 14.55
N VAL A 375 -19.50 1.54 14.38
CA VAL A 375 -18.64 1.18 13.26
C VAL A 375 -17.28 0.79 13.77
N ARG A 376 -16.89 -0.44 13.48
CA ARG A 376 -15.57 -0.92 13.78
C ARG A 376 -14.60 -0.48 12.67
N LEU A 377 -13.66 0.38 13.04
CA LEU A 377 -12.67 0.85 12.07
C LEU A 377 -11.29 0.51 12.63
N ALA A 378 -10.88 -0.75 12.42
CA ALA A 378 -9.69 -1.27 13.06
C ALA A 378 -8.53 -1.43 12.07
N CYS A 379 -7.32 -1.24 12.56
CA CYS A 379 -6.14 -1.55 11.78
C CYS A 379 -5.11 -2.16 12.72
N SER A 380 -4.81 -3.44 12.52
CA SER A 380 -3.89 -4.16 13.38
C SER A 380 -2.52 -3.50 13.48
N GLY A 381 -1.97 -3.50 14.68
CA GLY A 381 -0.59 -3.14 14.86
C GLY A 381 0.42 -4.20 14.38
N HIS A 382 -0.06 -5.40 14.04
CA HIS A 382 0.82 -6.55 13.74
C HIS A 382 0.90 -6.88 12.26
N ALA A 383 2.07 -7.36 11.84
CA ALA A 383 2.30 -7.70 10.44
C ALA A 383 1.28 -8.74 10.03
N ILE A 384 0.61 -8.55 8.90
CA ILE A 384 -0.31 -9.58 8.42
C ILE A 384 0.50 -10.85 8.04
N PRO A 385 -0.15 -12.05 7.98
CA PRO A 385 0.67 -13.26 7.74
C PRO A 385 1.63 -13.13 6.54
N GLU A 386 1.13 -12.62 5.41
CA GLU A 386 1.95 -12.30 4.25
C GLU A 386 3.17 -11.46 4.56
N ASP A 387 3.01 -10.45 5.42
CA ASP A 387 4.10 -9.51 5.67
C ASP A 387 5.13 -10.09 6.61
N LEU A 388 4.70 -11.03 7.44
CA LEU A 388 5.63 -11.78 8.29
C LEU A 388 6.62 -12.55 7.42
N ASP A 389 6.11 -13.28 6.42
CA ASP A 389 6.98 -13.94 5.41
C ASP A 389 7.85 -12.96 4.64
N LYS A 390 7.33 -11.77 4.32
CA LYS A 390 8.14 -10.79 3.61
C LYS A 390 9.29 -10.29 4.49
N ILE A 391 9.03 -10.14 5.79
CA ILE A 391 10.06 -9.63 6.69
C ILE A 391 11.19 -10.65 6.76
N ILE A 392 10.84 -11.93 6.93
CA ILE A 392 11.82 -13.03 6.95
C ILE A 392 12.60 -13.08 5.63
N ALA A 393 11.88 -12.89 4.51
CA ALA A 393 12.53 -12.83 3.19
C ALA A 393 13.55 -11.69 3.08
N LEU A 394 13.19 -10.49 3.56
CA LEU A 394 14.12 -9.37 3.54
C LEU A 394 15.36 -9.57 4.43
N ILE A 395 15.18 -10.21 5.57
CA ILE A 395 16.29 -10.40 6.52
C ILE A 395 17.17 -11.63 6.19
N GLU A 396 16.54 -12.73 5.78
CA GLU A 396 17.22 -14.01 5.50
C GLU A 396 17.99 -14.47 6.75
N PRO A 397 17.24 -14.82 7.82
CA PRO A 397 17.86 -15.18 9.08
C PRO A 397 18.48 -16.59 8.97
N GLN A 398 19.65 -16.77 9.58
CA GLN A 398 20.32 -18.05 9.60
C GLN A 398 19.49 -19.02 10.43
N VAL A 399 19.02 -18.53 11.58
CA VAL A 399 18.13 -19.28 12.45
C VAL A 399 16.97 -18.37 12.85
N LEU A 400 15.76 -18.90 12.74
CA LEU A 400 14.53 -18.19 13.09
C LEU A 400 13.95 -18.77 14.37
N VAL A 401 13.60 -17.91 15.33
CA VAL A 401 12.92 -18.34 16.54
C VAL A 401 11.54 -17.67 16.66
N PRO A 402 10.44 -18.36 16.30
CA PRO A 402 9.15 -17.74 16.57
C PRO A 402 8.89 -17.55 18.07
N ILE A 403 8.37 -16.37 18.41
CA ILE A 403 7.96 -16.02 19.77
C ILE A 403 6.70 -15.18 19.65
N HIS A 404 6.07 -14.88 20.78
CA HIS A 404 4.88 -14.02 20.81
C HIS A 404 3.87 -14.56 19.79
N THR A 405 3.52 -15.84 19.95
CA THR A 405 2.72 -16.57 18.98
C THR A 405 2.07 -17.83 19.62
N LEU A 406 0.85 -18.13 19.20
CA LEU A 406 0.17 -19.38 19.59
C LEU A 406 0.39 -20.52 18.56
N LYS A 407 1.01 -20.19 17.42
CA LYS A 407 1.27 -21.17 16.34
C LYS A 407 2.66 -20.98 15.73
N PRO A 408 3.70 -21.22 16.53
CA PRO A 408 5.05 -20.98 16.04
C PRO A 408 5.46 -21.86 14.85
N GLU A 409 4.82 -23.02 14.67
CA GLU A 409 5.14 -23.92 13.55
C GLU A 409 4.72 -23.34 12.20
N LYS A 410 3.81 -22.37 12.23
CA LYS A 410 3.37 -21.70 11.00
C LYS A 410 4.39 -20.68 10.47
N LEU A 411 5.33 -20.26 11.33
CA LEU A 411 6.38 -19.33 10.92
C LEU A 411 7.63 -20.06 10.40
N GLU A 412 7.83 -19.98 9.08
CA GLU A 412 8.87 -20.76 8.38
C GLU A 412 10.06 -19.92 7.94
N ASN A 413 11.23 -20.55 7.96
CA ASN A 413 12.46 -19.96 7.48
C ASN A 413 13.02 -20.71 6.24
N PRO A 414 12.65 -20.25 5.02
CA PRO A 414 13.24 -20.77 3.78
C PRO A 414 14.75 -20.63 3.71
N TYR A 415 15.31 -19.73 4.50
CA TYR A 415 16.70 -19.32 4.34
C TYR A 415 17.67 -20.03 5.26
N GLY A 416 17.16 -20.82 6.19
CA GLY A 416 18.01 -21.46 7.17
C GLY A 416 17.24 -22.37 8.08
N GLU A 417 17.63 -22.37 9.36
CA GLU A 417 17.03 -23.28 10.33
C GLU A 417 15.98 -22.57 11.19
N ARG A 418 15.31 -23.35 12.03
CA ARG A 418 14.28 -22.83 12.92
C ARG A 418 14.36 -23.54 14.26
N ILE A 419 14.12 -22.76 15.33
CA ILE A 419 14.00 -23.29 16.69
C ILE A 419 12.67 -22.85 17.27
N LEU A 420 11.89 -23.82 17.74
CA LEU A 420 10.65 -23.54 18.43
C LEU A 420 10.95 -23.69 19.91
N PRO A 421 11.02 -22.54 20.63
CA PRO A 421 11.51 -22.56 22.01
C PRO A 421 10.45 -23.05 22.99
N GLU A 422 10.92 -23.59 24.11
CA GLU A 422 10.02 -23.83 25.22
C GLU A 422 10.46 -23.00 26.42
N ARG A 423 9.57 -22.87 27.39
CA ARG A 423 9.85 -22.06 28.55
C ARG A 423 11.10 -22.58 29.28
N GLY A 424 12.02 -21.66 29.57
CA GLY A 424 13.25 -21.98 30.30
C GLY A 424 14.43 -22.37 29.43
N GLU A 425 14.17 -22.61 28.15
CA GLU A 425 15.19 -23.06 27.21
C GLU A 425 16.31 -22.08 26.99
N GLN A 426 17.54 -22.61 27.02
CA GLN A 426 18.74 -21.85 26.74
C GLN A 426 19.31 -22.29 25.42
N ILE A 427 19.65 -21.30 24.58
CA ILE A 427 20.37 -21.53 23.34
C ILE A 427 21.79 -21.01 23.51
N VAL A 428 22.75 -21.91 23.36
CA VAL A 428 24.15 -21.52 23.40
C VAL A 428 24.60 -21.39 21.95
N LEU A 429 25.03 -20.17 21.62
CA LEU A 429 25.32 -19.82 20.23
C LEU A 429 26.66 -20.40 19.75
N LYS B 4 3.58 40.83 -23.30
CA LYS B 4 3.57 39.57 -24.13
C LYS B 4 3.44 38.31 -23.26
N ALA B 5 2.40 37.53 -23.53
CA ALA B 5 2.06 36.37 -22.69
C ALA B 5 2.89 35.14 -23.06
N LYS B 6 3.50 34.53 -22.04
CA LYS B 6 4.30 33.33 -22.25
C LYS B 6 3.54 32.00 -22.14
N THR B 7 3.95 31.05 -22.98
CA THR B 7 3.50 29.66 -22.90
C THR B 7 4.59 28.81 -22.22
N THR B 8 4.23 28.19 -21.09
CA THR B 8 5.18 27.41 -20.30
C THR B 8 4.81 25.93 -20.29
N VAL B 9 5.79 25.07 -20.56
CA VAL B 9 5.57 23.64 -20.49
C VAL B 9 6.38 23.07 -19.33
N THR B 10 5.65 22.45 -18.37
CA THR B 10 6.26 21.86 -17.20
C THR B 10 6.19 20.33 -17.26
N PHE B 11 7.35 19.70 -17.05
CA PHE B 11 7.49 18.25 -17.02
C PHE B 11 7.46 17.75 -15.58
N HIS B 12 6.25 17.61 -15.05
CA HIS B 12 6.00 17.20 -13.65
C HIS B 12 6.45 15.79 -13.34
N SER B 13 6.22 14.88 -14.28
CA SER B 13 6.36 13.46 -14.06
C SER B 13 6.60 12.75 -15.39
N GLY B 14 7.27 11.61 -15.34
CA GLY B 14 7.43 10.73 -16.51
C GLY B 14 8.74 10.91 -17.26
N ILE B 15 9.74 11.43 -16.56
CA ILE B 15 11.02 11.69 -17.18
C ILE B 15 11.94 10.60 -16.68
N LEU B 16 12.59 9.92 -17.64
CA LEU B 16 13.46 8.78 -17.31
C LEU B 16 12.69 7.65 -16.61
N THR B 17 11.39 7.54 -16.91
CA THR B 17 10.62 6.35 -16.55
C THR B 17 9.67 6.01 -17.70
N ILE B 18 9.32 4.73 -17.84
CA ILE B 18 8.28 4.37 -18.80
C ILE B 18 6.92 4.43 -18.08
N GLY B 19 6.20 5.54 -18.26
CA GLY B 19 4.87 5.75 -17.67
C GLY B 19 4.81 6.79 -16.56
N GLY B 20 3.62 7.32 -16.31
CA GLY B 20 3.46 8.33 -15.29
C GLY B 20 3.69 9.73 -15.83
N THR B 21 3.65 9.88 -17.15
CA THR B 21 3.85 11.18 -17.79
C THR B 21 2.75 12.13 -17.37
N VAL B 22 3.14 13.21 -16.68
CA VAL B 22 2.24 14.33 -16.42
C VAL B 22 2.93 15.63 -16.82
N ILE B 23 2.37 16.26 -17.84
CA ILE B 23 2.92 17.51 -18.36
C ILE B 23 1.84 18.57 -18.30
N GLU B 24 2.24 19.77 -17.89
CA GLU B 24 1.37 20.94 -17.85
C GLU B 24 1.74 21.93 -18.97
N VAL B 25 0.73 22.45 -19.65
CA VAL B 25 0.90 23.59 -20.56
C VAL B 25 0.07 24.74 -20.03
N ALA B 26 0.72 25.88 -19.82
CA ALA B 26 0.06 27.02 -19.20
C ALA B 26 0.13 28.26 -20.10
N TYR B 27 -0.93 29.05 -20.06
CA TYR B 27 -1.00 30.31 -20.79
C TYR B 27 -2.01 31.23 -20.15
N LYS B 28 -1.51 32.33 -19.60
CA LYS B 28 -2.33 33.29 -18.85
C LYS B 28 -3.14 32.57 -17.76
N ASP B 29 -4.46 32.69 -17.80
CA ASP B 29 -5.31 32.16 -16.73
C ASP B 29 -5.82 30.73 -17.03
N ALA B 30 -5.17 30.05 -17.98
CA ALA B 30 -5.55 28.70 -18.38
C ALA B 30 -4.38 27.73 -18.30
N HIS B 31 -4.67 26.48 -17.97
CA HIS B 31 -3.69 25.39 -18.07
C HIS B 31 -4.31 24.01 -18.29
N ILE B 32 -3.61 23.18 -19.05
CA ILE B 32 -3.99 21.80 -19.27
C ILE B 32 -2.93 20.82 -18.73
N PHE B 33 -3.36 19.59 -18.43
CA PHE B 33 -2.48 18.50 -18.03
C PHE B 33 -2.78 17.27 -18.88
N PHE B 34 -1.74 16.48 -19.14
CA PHE B 34 -1.81 15.15 -19.79
C PHE B 34 -0.52 14.39 -19.41
N ASP B 35 -0.57 13.07 -19.24
CA ASP B 35 -1.82 12.29 -19.04
C ASP B 35 -2.16 12.31 -17.51
N PHE B 36 -2.62 11.20 -16.93
CA PHE B 36 -2.95 11.20 -15.49
C PHE B 36 -2.86 9.77 -14.92
N GLY B 37 -1.71 9.14 -15.14
CA GLY B 37 -1.45 7.80 -14.64
C GLY B 37 -0.47 7.88 -13.50
N THR B 38 0.09 6.75 -13.12
CA THR B 38 1.18 6.75 -12.13
C THR B 38 2.39 6.06 -12.73
N GLU B 39 3.54 6.31 -12.12
CA GLU B 39 4.73 5.47 -12.28
C GLU B 39 4.44 4.02 -11.91
N PHE B 40 5.20 3.12 -12.52
CA PHE B 40 5.04 1.70 -12.29
C PHE B 40 6.30 1.22 -11.57
N ARG B 41 6.16 0.97 -10.28
CA ARG B 41 7.23 0.42 -9.45
C ARG B 41 6.67 -0.68 -8.52
N PRO B 42 6.15 -1.79 -9.11
CA PRO B 42 5.50 -2.85 -8.31
C PRO B 42 6.35 -3.43 -7.15
N GLU B 43 7.67 -3.29 -7.25
CA GLU B 43 8.60 -3.79 -6.24
C GLU B 43 8.53 -3.03 -4.90
N LEU B 44 7.86 -1.88 -4.89
CA LEU B 44 7.62 -1.18 -3.61
C LEU B 44 6.59 -1.94 -2.75
N ASP B 45 5.75 -2.74 -3.41
CA ASP B 45 4.74 -3.58 -2.76
C ASP B 45 3.97 -2.81 -1.67
N LEU B 46 3.27 -1.77 -2.09
CA LEU B 46 2.70 -0.83 -1.14
C LEU B 46 1.39 -1.37 -0.58
N PRO B 47 1.08 -1.04 0.69
CA PRO B 47 -0.14 -1.56 1.31
C PRO B 47 -1.45 -0.92 0.81
N ASP B 48 -1.35 0.25 0.15
CA ASP B 48 -2.51 0.97 -0.37
C ASP B 48 -2.10 1.85 -1.57
N ASP B 49 -3.08 2.37 -2.30
CA ASP B 49 -2.82 3.30 -3.39
C ASP B 49 -3.39 4.69 -3.12
N HIS B 50 -3.45 5.07 -1.84
CA HIS B 50 -3.85 6.42 -1.48
C HIS B 50 -2.87 7.47 -1.97
N ILE B 51 -3.39 8.66 -2.28
CA ILE B 51 -2.61 9.73 -2.87
C ILE B 51 -1.38 10.13 -2.04
N GLU B 52 -1.51 10.22 -0.72
CA GLU B 52 -0.34 10.48 0.13
C GLU B 52 0.74 9.43 -0.08
N THR B 53 0.33 8.17 -0.22
CA THR B 53 1.27 7.07 -0.46
C THR B 53 1.97 7.22 -1.83
N LEU B 54 1.18 7.49 -2.86
CA LEU B 54 1.74 7.70 -4.20
C LEU B 54 2.72 8.87 -4.26
N ILE B 55 2.38 9.95 -3.55
CA ILE B 55 3.19 11.16 -3.46
C ILE B 55 4.50 10.88 -2.74
N ASN B 56 4.41 10.25 -1.57
CA ASN B 56 5.57 9.93 -0.75
C ASN B 56 6.61 9.02 -1.41
N ASN B 57 6.16 8.18 -2.34
CA ASN B 57 6.99 7.25 -3.10
C ASN B 57 7.30 7.77 -4.52
N ARG B 58 7.06 9.06 -4.71
CA ARG B 58 7.08 9.80 -5.99
C ARG B 58 6.59 9.05 -7.23
N LEU B 59 5.52 8.31 -7.03
CA LEU B 59 4.81 7.64 -8.11
C LEU B 59 3.94 8.60 -8.93
N VAL B 60 3.61 9.73 -8.30
CA VAL B 60 2.82 10.83 -8.91
C VAL B 60 3.43 12.15 -8.45
N PRO B 61 3.29 13.22 -9.26
CA PRO B 61 3.90 14.49 -8.88
C PRO B 61 3.02 15.30 -7.90
N GLU B 62 3.66 16.18 -7.14
CA GLU B 62 2.96 17.20 -6.37
C GLU B 62 2.32 18.17 -7.36
N LEU B 63 1.04 18.43 -7.19
CA LEU B 63 0.27 19.29 -8.11
C LEU B 63 -0.65 20.21 -7.31
N LYS B 64 -0.74 21.46 -7.74
CA LYS B 64 -1.59 22.46 -7.09
C LYS B 64 -2.98 22.51 -7.71
N ASP B 65 -4.00 22.47 -6.85
CA ASP B 65 -5.40 22.62 -7.24
C ASP B 65 -5.79 21.73 -8.41
N LEU B 66 -5.44 20.45 -8.31
CA LEU B 66 -5.84 19.51 -9.33
C LEU B 66 -6.46 18.25 -8.75
N TYR B 67 -5.89 17.77 -7.64
CA TYR B 67 -6.40 16.61 -6.95
C TYR B 67 -7.68 16.93 -6.17
N ASP B 68 -8.59 15.95 -6.13
CA ASP B 68 -9.85 16.03 -5.40
C ASP B 68 -9.61 16.52 -3.96
N PRO B 69 -10.17 17.69 -3.61
CA PRO B 69 -10.00 18.29 -2.28
C PRO B 69 -10.39 17.37 -1.12
N ARG B 70 -11.30 16.43 -1.35
CA ARG B 70 -11.75 15.51 -0.29
C ARG B 70 -10.63 14.60 0.21
N LEU B 71 -9.65 14.34 -0.66
CA LEU B 71 -8.48 13.51 -0.34
C LEU B 71 -7.60 14.09 0.78
N GLY B 72 -7.78 15.37 1.06
CA GLY B 72 -7.03 16.01 2.14
C GLY B 72 -5.56 16.18 1.80
N TYR B 73 -5.27 16.19 0.50
CA TYR B 73 -3.90 16.39 0.04
C TYR B 73 -3.55 17.86 0.12
N GLU B 74 -2.36 18.17 0.65
CA GLU B 74 -1.87 19.54 0.72
C GLU B 74 -0.68 19.70 -0.20
N TYR B 75 -0.82 20.55 -1.21
CA TYR B 75 0.27 20.82 -2.16
C TYR B 75 1.52 21.39 -1.48
N HIS B 76 2.67 20.77 -1.75
CA HIS B 76 3.95 21.32 -1.32
C HIS B 76 4.84 21.59 -2.53
N GLY B 77 5.23 22.85 -2.67
CA GLY B 77 6.03 23.25 -3.82
C GLY B 77 5.96 24.73 -4.12
N ALA B 78 6.41 25.08 -5.33
CA ALA B 78 6.67 26.48 -5.68
C ALA B 78 5.56 27.15 -6.48
N GLU B 79 4.61 26.38 -6.99
CA GLU B 79 3.52 26.94 -7.78
C GLU B 79 2.71 27.91 -6.95
N ASP B 80 2.51 29.12 -7.47
CA ASP B 80 1.67 30.10 -6.79
C ASP B 80 0.68 30.80 -7.70
N LYS B 81 0.62 30.38 -8.96
CA LYS B 81 -0.36 30.93 -9.90
C LYS B 81 -1.71 30.24 -9.72
N ASP B 82 -2.78 31.03 -9.79
CA ASP B 82 -4.12 30.48 -9.84
C ASP B 82 -4.61 30.51 -11.27
N TYR B 83 -5.40 29.51 -11.64
CA TYR B 83 -5.97 29.44 -12.97
C TYR B 83 -7.49 29.41 -12.92
N GLN B 84 -8.10 30.08 -13.88
CA GLN B 84 -9.55 30.13 -14.04
C GLN B 84 -10.03 28.97 -14.92
N HIS B 85 -9.16 28.51 -15.81
CA HIS B 85 -9.50 27.39 -16.66
C HIS B 85 -8.52 26.25 -16.48
N THR B 86 -9.06 25.05 -16.24
CA THR B 86 -8.24 23.88 -16.06
C THR B 86 -8.91 22.73 -16.78
N ALA B 87 -8.10 21.88 -17.40
CA ALA B 87 -8.58 20.64 -18.01
C ALA B 87 -7.46 19.63 -18.10
N VAL B 88 -7.86 18.36 -18.12
CA VAL B 88 -6.91 17.27 -18.22
C VAL B 88 -7.34 16.42 -19.40
N PHE B 89 -6.36 15.94 -20.15
CA PHE B 89 -6.60 15.13 -21.32
C PHE B 89 -5.94 13.79 -21.10
N LEU B 90 -6.58 12.76 -21.60
CA LEU B 90 -6.11 11.39 -21.44
C LEU B 90 -5.85 10.82 -22.83
N SER B 91 -4.58 10.53 -23.11
CA SER B 91 -4.16 10.05 -24.43
C SER B 91 -4.71 8.67 -24.75
N HIS B 92 -4.65 7.77 -23.77
CA HIS B 92 -5.25 6.44 -23.90
C HIS B 92 -5.46 5.77 -22.53
N ALA B 93 -5.99 4.55 -22.56
CA ALA B 93 -6.49 3.85 -21.37
C ALA B 93 -5.45 3.12 -20.51
N HIS B 94 -4.27 2.82 -21.05
CA HIS B 94 -3.24 2.11 -20.26
C HIS B 94 -2.97 2.80 -18.94
N LEU B 95 -2.67 1.99 -17.93
CA LEU B 95 -2.64 2.43 -16.54
C LEU B 95 -1.56 3.45 -16.26
N ASP B 96 -0.43 3.35 -16.96
CA ASP B 96 0.64 4.33 -16.80
C ASP B 96 0.23 5.71 -17.32
N HIS B 97 -0.96 5.77 -17.94
CA HIS B 97 -1.56 7.04 -18.38
C HIS B 97 -2.89 7.37 -17.67
N SER B 98 -3.57 6.36 -17.13
CA SER B 98 -4.94 6.57 -16.63
C SER B 98 -5.17 6.20 -15.18
N ARG B 99 -4.19 5.56 -14.56
CA ARG B 99 -4.43 4.88 -13.29
C ARG B 99 -5.11 5.71 -12.19
N MET B 100 -4.82 7.01 -12.12
CA MET B 100 -5.27 7.84 -10.98
C MET B 100 -6.36 8.88 -11.30
N ILE B 101 -7.08 8.71 -12.40
CA ILE B 101 -8.11 9.70 -12.78
C ILE B 101 -9.23 9.91 -11.75
N ASN B 102 -9.56 8.89 -10.94
CA ASN B 102 -10.55 9.10 -9.88
C ASN B 102 -10.07 10.08 -8.81
N TYR B 103 -8.76 10.33 -8.79
CA TYR B 103 -8.20 11.36 -7.90
C TYR B 103 -8.26 12.74 -8.51
N LEU B 104 -8.61 12.85 -9.79
CA LEU B 104 -8.77 14.16 -10.43
C LEU B 104 -10.02 14.84 -9.89
N ASP B 105 -9.85 16.04 -9.37
CA ASP B 105 -10.94 16.84 -8.80
C ASP B 105 -12.16 16.78 -9.75
N PRO B 106 -13.33 16.33 -9.24
CA PRO B 106 -14.53 16.25 -10.09
C PRO B 106 -14.97 17.59 -10.72
N ALA B 107 -14.51 18.71 -10.16
CA ALA B 107 -14.77 20.03 -10.74
C ALA B 107 -13.88 20.32 -11.97
N VAL B 108 -12.90 19.45 -12.22
CA VAL B 108 -12.02 19.57 -13.36
C VAL B 108 -12.48 18.63 -14.49
N PRO B 109 -12.75 19.17 -15.69
CA PRO B 109 -13.11 18.32 -16.83
C PRO B 109 -11.99 17.39 -17.29
N LEU B 110 -12.37 16.18 -17.71
CA LEU B 110 -11.46 15.15 -18.19
C LEU B 110 -11.88 14.77 -19.60
N TYR B 111 -11.03 15.07 -20.57
CA TYR B 111 -11.35 14.77 -21.96
C TYR B 111 -10.51 13.65 -22.50
N THR B 112 -11.13 12.86 -23.34
CA THR B 112 -10.48 11.74 -23.99
C THR B 112 -11.35 11.39 -25.20
N LEU B 113 -10.86 10.51 -26.07
CA LEU B 113 -11.66 10.03 -27.21
C LEU B 113 -12.74 9.12 -26.64
N LYS B 114 -13.93 9.12 -27.27
CA LYS B 114 -15.08 8.36 -26.74
C LYS B 114 -14.77 6.86 -26.57
N GLU B 115 -13.94 6.33 -27.46
CA GLU B 115 -13.49 4.92 -27.40
C GLU B 115 -12.69 4.63 -26.13
N THR B 116 -11.82 5.56 -25.74
CA THR B 116 -11.06 5.43 -24.48
C THR B 116 -12.00 5.42 -23.26
N LYS B 117 -12.95 6.35 -23.25
CA LYS B 117 -13.95 6.42 -22.17
C LYS B 117 -14.69 5.09 -22.01
N MET B 118 -15.17 4.54 -23.12
CA MET B 118 -15.91 3.26 -23.11
C MET B 118 -15.05 2.15 -22.50
N ILE B 119 -13.83 2.02 -23.01
CA ILE B 119 -12.86 1.02 -22.57
C ILE B 119 -12.55 1.08 -21.08
N LEU B 120 -12.29 2.29 -20.56
CA LEU B 120 -11.96 2.46 -19.13
C LEU B 120 -13.12 2.02 -18.28
N ASN B 121 -14.30 2.49 -18.64
CA ASN B 121 -15.53 2.15 -17.93
C ASN B 121 -15.79 0.65 -17.90
N SER B 122 -15.57 -0.05 -19.01
CA SER B 122 -15.69 -1.51 -19.04
C SER B 122 -14.61 -2.24 -18.28
N LEU B 123 -13.36 -1.84 -18.46
CA LEU B 123 -12.25 -2.47 -17.75
C LEU B 123 -12.41 -2.27 -16.24
N ASN B 124 -12.96 -1.11 -15.86
CA ASN B 124 -13.14 -0.78 -14.46
C ASN B 124 -14.50 -1.21 -13.85
N ARG B 125 -15.22 -2.08 -14.57
CA ARG B 125 -16.52 -2.63 -14.15
C ARG B 125 -16.60 -3.01 -12.69
N LYS B 126 -15.60 -3.78 -12.26
CA LYS B 126 -15.51 -4.32 -10.91
C LYS B 126 -14.67 -3.43 -9.99
N GLY B 127 -14.23 -2.29 -10.53
CA GLY B 127 -13.49 -1.30 -9.75
C GLY B 127 -12.04 -1.67 -9.48
N ASP B 128 -11.57 -2.71 -10.15
CA ASP B 128 -10.22 -3.21 -9.89
C ASP B 128 -9.21 -2.97 -11.02
N PHE B 129 -9.54 -2.06 -11.94
CA PHE B 129 -8.58 -1.58 -12.96
C PHE B 129 -7.94 -0.27 -12.49
N LEU B 130 -8.76 0.75 -12.27
CA LEU B 130 -8.30 2.06 -11.81
C LEU B 130 -8.28 2.14 -10.30
N ILE B 131 -7.45 3.00 -9.75
CA ILE B 131 -7.48 3.34 -8.32
C ILE B 131 -8.85 3.94 -7.94
N PRO B 132 -9.55 3.32 -6.98
CA PRO B 132 -10.86 3.85 -6.59
C PRO B 132 -10.79 5.18 -5.82
N SER B 133 -11.83 5.99 -6.00
CA SER B 133 -12.00 7.17 -5.14
C SER B 133 -12.36 6.62 -3.78
N PRO B 134 -11.72 7.12 -2.70
CA PRO B 134 -12.12 6.72 -1.34
C PRO B 134 -13.55 7.16 -0.94
N PHE B 135 -14.19 7.94 -1.79
CA PHE B 135 -15.47 8.60 -1.48
C PHE B 135 -16.59 8.18 -2.44
N GLU B 136 -16.35 7.10 -3.18
CA GLU B 136 -17.32 6.55 -4.12
C GLU B 136 -17.32 5.02 -4.03
N GLU B 137 -18.24 4.35 -4.72
CA GLU B 137 -18.23 2.88 -4.79
C GLU B 137 -16.97 2.43 -5.51
N LYS B 138 -16.48 1.20 -5.24
CA LYS B 138 -15.16 0.79 -5.77
C LYS B 138 -15.10 0.82 -7.29
N ASN B 139 -16.20 0.41 -7.93
CA ASN B 139 -16.32 0.43 -9.40
C ASN B 139 -16.87 1.72 -9.97
N PHE B 140 -16.77 2.80 -9.19
CA PHE B 140 -16.98 4.12 -9.73
C PHE B 140 -15.82 4.52 -10.64
N THR B 141 -16.15 5.13 -11.77
CA THR B 141 -15.17 5.74 -12.65
C THR B 141 -15.65 7.16 -12.84
N ARG B 142 -14.78 8.13 -12.56
CA ARG B 142 -15.17 9.54 -12.65
C ARG B 142 -15.64 9.91 -14.06
N GLU B 143 -16.35 11.03 -14.19
CA GLU B 143 -16.88 11.37 -15.51
C GLU B 143 -15.76 11.83 -16.46
N MET B 144 -15.91 11.44 -17.71
CA MET B 144 -15.00 11.76 -18.79
C MET B 144 -15.87 12.28 -19.93
N ILE B 145 -15.36 13.27 -20.63
CA ILE B 145 -15.99 13.79 -21.82
C ILE B 145 -15.41 13.06 -23.03
N GLY B 146 -16.23 12.25 -23.66
CA GLY B 146 -15.82 11.47 -24.82
C GLY B 146 -15.88 12.27 -26.10
N LEU B 147 -14.77 12.29 -26.83
CA LEU B 147 -14.62 13.14 -28.00
C LEU B 147 -14.50 12.36 -29.30
N ASN B 148 -14.82 13.04 -30.39
CA ASN B 148 -14.66 12.47 -31.72
C ASN B 148 -13.32 12.89 -32.32
N LYS B 149 -12.87 12.11 -33.28
CA LYS B 149 -11.70 12.43 -34.06
C LYS B 149 -11.77 13.85 -34.60
N ASN B 150 -10.68 14.59 -34.45
CA ASN B 150 -10.58 15.99 -34.89
C ASN B 150 -11.21 17.03 -33.97
N ASP B 151 -11.90 16.59 -32.92
CA ASP B 151 -12.51 17.55 -31.98
C ASP B 151 -11.42 18.44 -31.39
N VAL B 152 -11.70 19.73 -31.31
CA VAL B 152 -10.82 20.65 -30.59
C VAL B 152 -11.58 21.29 -29.44
N ILE B 153 -10.90 21.33 -28.30
CA ILE B 153 -11.42 21.86 -27.05
C ILE B 153 -10.67 23.13 -26.68
N LYS B 154 -11.43 24.16 -26.35
CA LYS B 154 -10.84 25.37 -25.84
C LYS B 154 -10.76 25.34 -24.33
N VAL B 155 -9.59 25.63 -23.79
CA VAL B 155 -9.43 25.81 -22.36
C VAL B 155 -8.81 27.19 -22.23
N GLY B 156 -9.64 28.21 -22.02
CA GLY B 156 -9.18 29.58 -22.18
C GLY B 156 -8.65 29.69 -23.59
N GLU B 157 -7.47 30.29 -23.72
CA GLU B 157 -6.87 30.53 -25.05
C GLU B 157 -6.03 29.35 -25.55
N ILE B 158 -6.01 28.26 -24.79
CA ILE B 158 -5.38 27.02 -25.20
C ILE B 158 -6.37 26.19 -26.04
N SER B 159 -5.93 25.75 -27.22
CA SER B 159 -6.73 24.86 -28.06
C SER B 159 -6.08 23.50 -28.15
N VAL B 160 -6.87 22.46 -27.99
CA VAL B 160 -6.32 21.12 -28.03
C VAL B 160 -7.12 20.31 -29.01
N GLU B 161 -6.44 19.84 -30.04
CA GLU B 161 -7.07 18.94 -30.98
C GLU B 161 -6.64 17.52 -30.64
N ILE B 162 -7.61 16.66 -30.46
CA ILE B 162 -7.36 15.26 -30.10
C ILE B 162 -7.43 14.44 -31.37
N VAL B 163 -6.39 13.65 -31.60
CA VAL B 163 -6.16 12.99 -32.87
C VAL B 163 -5.86 11.52 -32.63
N PRO B 164 -6.61 10.62 -33.30
CA PRO B 164 -6.28 9.21 -33.20
C PRO B 164 -4.91 8.85 -33.75
N VAL B 165 -4.28 7.86 -33.10
CA VAL B 165 -3.02 7.29 -33.51
C VAL B 165 -3.13 5.78 -33.32
N ASP B 166 -2.25 5.04 -33.96
CA ASP B 166 -2.19 3.59 -33.87
C ASP B 166 -1.41 3.23 -32.61
N HIS B 167 -2.06 2.52 -31.69
CA HIS B 167 -1.41 1.95 -30.51
C HIS B 167 -2.15 0.67 -30.16
N ASP B 168 -1.61 -0.13 -29.23
CA ASP B 168 -2.26 -1.37 -28.83
C ASP B 168 -3.40 -1.16 -27.81
N ALA B 169 -3.62 0.07 -27.36
CA ALA B 169 -4.85 0.42 -26.64
C ALA B 169 -5.88 1.03 -27.58
N TYR B 170 -7.03 0.39 -27.67
CA TYR B 170 -8.13 0.87 -28.50
C TYR B 170 -8.53 2.29 -28.08
N GLY B 171 -8.67 3.16 -29.08
CA GLY B 171 -9.02 4.55 -28.86
C GLY B 171 -7.87 5.47 -28.52
N ALA B 172 -6.64 5.01 -28.76
CA ALA B 172 -5.42 5.80 -28.48
C ALA B 172 -5.37 7.10 -29.26
N SER B 173 -4.85 8.14 -28.63
CA SER B 173 -4.80 9.44 -29.28
C SER B 173 -3.48 10.19 -28.99
N ALA B 174 -3.32 11.30 -29.70
CA ALA B 174 -2.23 12.25 -29.50
C ALA B 174 -2.85 13.62 -29.44
N LEU B 175 -2.12 14.59 -28.90
CA LEU B 175 -2.65 15.94 -28.74
C LEU B 175 -1.89 16.98 -29.56
N LEU B 176 -2.64 17.80 -30.30
CA LEU B 176 -2.09 18.98 -30.95
C LEU B 176 -2.50 20.22 -30.16
N ILE B 177 -1.53 20.89 -29.56
CA ILE B 177 -1.82 21.96 -28.63
C ILE B 177 -1.44 23.32 -29.23
N ARG B 178 -2.38 24.27 -29.20
CA ARG B 178 -2.12 25.60 -29.68
C ARG B 178 -2.42 26.65 -28.65
N THR B 179 -1.52 27.59 -28.57
CA THR B 179 -1.67 28.78 -27.77
C THR B 179 -1.62 29.87 -28.86
N PRO B 180 -2.09 31.10 -28.58
CA PRO B 180 -2.10 32.13 -29.63
C PRO B 180 -0.81 32.26 -30.46
N ASP B 181 0.37 32.11 -29.84
CA ASP B 181 1.61 32.23 -30.59
C ASP B 181 2.45 30.95 -30.70
N HIS B 182 1.91 29.81 -30.28
CA HIS B 182 2.68 28.55 -30.36
C HIS B 182 1.90 27.33 -30.80
N PHE B 183 2.64 26.35 -31.33
CA PHE B 183 2.09 25.06 -31.73
C PHE B 183 2.99 23.92 -31.27
N ILE B 184 2.52 23.18 -30.28
CA ILE B 184 3.26 22.03 -29.75
C ILE B 184 2.44 20.74 -29.86
N THR B 185 3.13 19.60 -29.78
CA THR B 185 2.51 18.30 -30.03
C THR B 185 2.94 17.26 -28.97
N TYR B 186 1.98 16.48 -28.49
CA TYR B 186 2.25 15.33 -27.62
C TYR B 186 1.80 14.07 -28.32
N THR B 187 2.73 13.14 -28.55
CA THR B 187 2.41 11.91 -29.28
C THR B 187 1.54 10.91 -28.53
N GLY B 188 1.52 10.97 -27.20
CA GLY B 188 1.04 9.83 -26.42
C GLY B 188 1.92 8.63 -26.74
N ASP B 189 1.38 7.42 -26.65
CA ASP B 189 2.08 6.21 -27.11
C ASP B 189 1.59 5.87 -28.51
N LEU B 190 2.51 5.52 -29.41
CA LEU B 190 2.10 5.21 -30.80
C LEU B 190 3.09 4.35 -31.60
N ARG B 191 2.61 3.87 -32.74
CA ARG B 191 3.35 2.93 -33.58
C ARG B 191 2.85 3.04 -35.01
N LEU B 192 3.49 2.31 -35.92
CA LEU B 192 3.10 2.32 -37.33
C LEU B 192 2.81 0.92 -37.83
N HIS B 193 2.78 -0.06 -36.92
CA HIS B 193 2.63 -1.47 -37.31
C HIS B 193 1.36 -2.21 -36.79
N GLY B 194 0.29 -1.48 -36.51
CA GLY B 194 -1.00 -2.13 -36.23
C GLY B 194 -1.99 -1.78 -37.33
N HIS B 195 -3.26 -2.17 -37.16
CA HIS B 195 -4.28 -1.51 -37.98
C HIS B 195 -4.41 -0.12 -37.40
N ASN B 196 -4.83 0.85 -38.20
CA ASN B 196 -4.86 2.24 -37.79
C ASN B 196 -3.56 3.00 -38.05
N ARG B 197 -2.55 2.32 -38.63
CA ARG B 197 -1.28 2.99 -38.96
C ARG B 197 -1.50 4.27 -39.77
N GLU B 198 -2.52 4.24 -40.63
CA GLU B 198 -2.99 5.45 -41.31
C GLU B 198 -3.33 6.60 -40.35
N GLU B 199 -3.87 6.29 -39.17
CA GLU B 199 -4.16 7.31 -38.15
C GLU B 199 -2.89 8.01 -37.66
N THR B 200 -1.86 7.25 -37.32
CA THR B 200 -0.60 7.91 -36.92
C THR B 200 0.02 8.68 -38.08
N LEU B 201 -0.11 8.16 -39.31
CA LEU B 201 0.33 8.91 -40.50
C LEU B 201 -0.43 10.23 -40.65
N ALA B 202 -1.76 10.17 -40.53
CA ALA B 202 -2.61 11.36 -40.49
C ALA B 202 -2.20 12.29 -39.35
N PHE B 203 -1.85 11.72 -38.19
CA PHE B 203 -1.33 12.51 -37.07
C PHE B 203 -0.05 13.27 -37.46
N CYS B 204 0.91 12.57 -38.07
CA CYS B 204 2.20 13.16 -38.42
C CYS B 204 2.03 14.37 -39.37
N GLU B 205 1.05 14.26 -40.27
CA GLU B 205 0.79 15.31 -41.24
C GLU B 205 0.28 16.57 -40.56
N LYS B 206 -0.64 16.40 -39.60
CA LYS B 206 -1.14 17.54 -38.83
C LYS B 206 -0.14 18.06 -37.80
N ALA B 207 0.82 17.22 -37.43
CA ALA B 207 1.90 17.64 -36.53
C ALA B 207 3.06 18.36 -37.26
N LYS B 208 3.08 18.28 -38.59
CA LYS B 208 4.19 18.81 -39.40
C LYS B 208 4.64 20.22 -39.00
N HIS B 209 5.92 20.33 -38.66
CA HIS B 209 6.60 21.59 -38.33
C HIS B 209 6.19 22.17 -36.98
N THR B 210 5.68 21.31 -36.11
CA THR B 210 5.38 21.71 -34.74
C THR B 210 6.61 22.27 -34.03
N GLU B 211 6.39 23.32 -33.26
CA GLU B 211 7.40 23.99 -32.43
C GLU B 211 8.14 22.99 -31.54
N LEU B 212 7.38 22.07 -30.95
CA LEU B 212 7.87 21.21 -29.85
C LEU B 212 7.15 19.86 -29.90
N LEU B 213 7.90 18.81 -30.19
CA LEU B 213 7.38 17.47 -30.24
C LEU B 213 7.79 16.69 -29.01
N MET B 214 6.81 16.45 -28.13
CA MET B 214 6.98 15.65 -26.91
C MET B 214 6.61 14.21 -27.28
N MET B 215 7.62 13.34 -27.31
CA MET B 215 7.49 12.09 -28.05
C MET B 215 8.07 10.91 -27.29
N GLU B 216 7.35 9.78 -27.32
CA GLU B 216 7.80 8.58 -26.63
C GLU B 216 9.00 7.91 -27.31
N GLY B 217 9.72 7.09 -26.53
CA GLY B 217 10.85 6.35 -27.02
C GLY B 217 11.02 5.05 -26.27
N VAL B 218 9.95 4.27 -26.17
CA VAL B 218 9.99 2.98 -25.45
C VAL B 218 10.97 1.98 -26.07
N SER B 219 10.89 1.81 -27.39
CA SER B 219 11.61 0.73 -28.06
C SER B 219 13.12 0.91 -28.07
N ILE B 220 13.60 2.08 -27.62
CA ILE B 220 15.05 2.36 -27.63
C ILE B 220 15.61 2.41 -26.21
N SER B 221 14.80 2.02 -25.23
CA SER B 221 15.14 2.16 -23.80
C SER B 221 16.08 1.10 -23.25
N PHE B 222 16.25 0.00 -23.99
CA PHE B 222 17.04 -1.14 -23.52
C PHE B 222 18.16 -1.49 -24.51
N PRO B 223 19.23 -2.18 -24.05
CA PRO B 223 20.08 -2.85 -25.03
C PRO B 223 19.14 -3.84 -25.73
N GLU B 224 19.08 -3.88 -27.07
CA GLU B 224 20.16 -3.65 -28.04
C GLU B 224 20.79 -5.03 -28.26
N ARG B 225 19.97 -5.92 -28.82
CA ARG B 225 20.28 -7.34 -28.99
C ARG B 225 19.81 -7.77 -30.38
N GLU B 226 20.33 -8.88 -30.88
CA GLU B 226 19.96 -9.35 -32.23
C GLU B 226 20.11 -10.85 -32.52
N PRO B 227 18.97 -11.60 -32.55
CA PRO B 227 17.65 -11.43 -31.94
C PRO B 227 17.48 -12.52 -30.88
N ASP B 228 16.48 -13.39 -31.06
CA ASP B 228 16.51 -14.75 -30.51
C ASP B 228 17.12 -15.65 -31.61
N PRO B 229 16.41 -16.70 -32.13
CA PRO B 229 15.25 -17.49 -31.76
C PRO B 229 15.69 -18.63 -30.82
N ALA B 230 14.85 -19.63 -30.50
CA ALA B 230 13.51 -19.83 -31.08
C ALA B 230 12.39 -19.07 -30.36
N GLN B 231 11.89 -18.03 -31.03
CA GLN B 231 10.70 -17.30 -30.65
C GLN B 231 10.21 -16.54 -31.87
N ILE B 232 8.89 -16.49 -32.04
CA ILE B 232 8.29 -15.92 -33.25
C ILE B 232 8.56 -14.42 -33.32
N ALA B 233 9.09 -13.98 -34.47
CA ALA B 233 9.30 -12.57 -34.73
C ALA B 233 8.10 -12.06 -35.49
N VAL B 234 7.31 -11.21 -34.82
CA VAL B 234 6.07 -10.66 -35.38
C VAL B 234 6.35 -9.25 -35.89
N VAL B 235 5.85 -8.93 -37.09
CA VAL B 235 6.12 -7.63 -37.69
C VAL B 235 4.96 -6.65 -37.62
N SER B 236 3.73 -7.17 -37.46
CA SER B 236 2.54 -6.33 -37.34
C SER B 236 1.38 -7.03 -36.61
N GLU B 237 0.32 -6.26 -36.33
CA GLU B 237 -0.90 -6.85 -35.76
C GLU B 237 -1.54 -7.85 -36.75
N GLU B 238 -1.59 -7.51 -38.04
CA GLU B 238 -2.13 -8.47 -39.03
C GLU B 238 -1.24 -9.72 -39.20
N ASP B 239 0.09 -9.55 -39.13
CA ASP B 239 1.01 -10.68 -39.12
C ASP B 239 0.85 -11.55 -37.86
N LEU B 240 0.58 -10.93 -36.72
CA LEU B 240 0.34 -11.66 -35.48
C LEU B 240 -0.80 -12.68 -35.63
N VAL B 241 -1.94 -12.21 -36.14
CA VAL B 241 -3.12 -13.06 -36.35
C VAL B 241 -2.86 -14.16 -37.40
N GLN B 242 -2.14 -13.82 -38.47
CA GLN B 242 -1.71 -14.83 -39.46
C GLN B 242 -0.87 -15.93 -38.81
N HIS B 243 0.00 -15.56 -37.87
CA HIS B 243 0.76 -16.54 -37.10
C HIS B 243 -0.16 -17.39 -36.24
N LEU B 244 -1.18 -16.77 -35.65
CA LEU B 244 -2.14 -17.48 -34.78
C LEU B 244 -2.90 -18.56 -35.53
N VAL B 245 -3.50 -18.17 -36.66
CA VAL B 245 -4.22 -19.07 -37.56
C VAL B 245 -3.36 -20.27 -37.92
N ARG B 246 -2.11 -19.99 -38.31
CA ARG B 246 -1.11 -21.00 -38.65
C ARG B 246 -0.86 -21.97 -37.50
N LEU B 247 -0.68 -21.43 -36.30
CA LEU B 247 -0.46 -22.24 -35.09
C LEU B 247 -1.63 -23.17 -34.75
N GLU B 248 -2.86 -22.73 -35.02
CA GLU B 248 -4.06 -23.55 -34.85
C GLU B 248 -4.11 -24.69 -35.88
N LEU B 249 -3.81 -24.33 -37.13
CA LEU B 249 -3.88 -25.29 -38.23
C LEU B 249 -2.83 -26.40 -38.12
N GLU B 250 -1.66 -26.07 -37.60
CA GLU B 250 -0.64 -27.10 -37.36
C GLU B 250 -0.80 -27.84 -36.03
N ASN B 251 -1.91 -27.57 -35.33
CA ASN B 251 -2.27 -28.30 -34.10
C ASN B 251 -3.78 -28.69 -34.02
N PRO B 252 -4.29 -29.46 -35.00
CA PRO B 252 -5.72 -29.77 -35.07
C PRO B 252 -6.27 -30.63 -33.92
N ASN B 253 -5.42 -31.45 -33.31
CA ASN B 253 -5.86 -32.30 -32.20
C ASN B 253 -5.06 -32.06 -30.91
N ARG B 254 -5.46 -30.99 -30.21
CA ARG B 254 -4.71 -30.50 -29.05
C ARG B 254 -5.52 -29.37 -28.42
N GLN B 255 -5.53 -29.31 -27.11
CA GLN B 255 -6.14 -28.15 -26.45
C GLN B 255 -5.31 -26.89 -26.75
N ILE B 256 -5.97 -25.87 -27.31
CA ILE B 256 -5.30 -24.59 -27.57
C ILE B 256 -6.01 -23.45 -26.84
N THR B 257 -5.25 -22.75 -26.02
CA THR B 257 -5.72 -21.62 -25.25
C THR B 257 -4.79 -20.45 -25.49
N PHE B 258 -5.25 -19.25 -25.12
CA PHE B 258 -4.51 -18.02 -25.30
C PHE B 258 -4.94 -16.98 -24.29
N ASN B 259 -4.17 -15.90 -24.19
CA ASN B 259 -4.61 -14.72 -23.48
C ASN B 259 -4.00 -13.48 -24.14
N GLY B 260 -4.64 -12.35 -23.89
CA GLY B 260 -4.24 -11.07 -24.44
C GLY B 260 -4.41 -10.04 -23.35
N TYR B 261 -4.09 -8.80 -23.69
CA TYR B 261 -4.34 -7.68 -22.80
C TYR B 261 -5.66 -7.02 -23.24
N PRO B 262 -6.61 -6.89 -22.29
CA PRO B 262 -8.00 -6.54 -22.59
C PRO B 262 -8.19 -5.18 -23.24
N ALA B 263 -7.23 -4.27 -23.05
CA ALA B 263 -7.28 -2.97 -23.73
C ALA B 263 -7.12 -3.13 -25.25
N ASN B 264 -6.44 -4.18 -25.68
CA ASN B 264 -6.24 -4.40 -27.11
C ASN B 264 -7.45 -5.08 -27.73
N VAL B 265 -8.55 -4.35 -27.76
CA VAL B 265 -9.84 -4.92 -28.20
C VAL B 265 -9.78 -5.32 -29.69
N GLU B 266 -9.13 -4.50 -30.51
CA GLU B 266 -9.03 -4.83 -31.94
C GLU B 266 -8.31 -6.14 -32.22
N ARG B 267 -7.28 -6.46 -31.43
CA ARG B 267 -6.61 -7.76 -31.55
C ARG B 267 -7.58 -8.91 -31.29
N PHE B 268 -8.38 -8.77 -30.24
CA PHE B 268 -9.44 -9.75 -29.94
C PHE B 268 -10.44 -9.92 -31.11
N ALA B 269 -10.94 -8.80 -31.66
CA ALA B 269 -11.84 -8.85 -32.84
C ALA B 269 -11.23 -9.60 -34.03
N LYS B 270 -10.01 -9.22 -34.42
CA LYS B 270 -9.29 -9.85 -35.55
C LYS B 270 -9.01 -11.33 -35.29
N ILE B 271 -8.63 -11.69 -34.06
CA ILE B 271 -8.49 -13.10 -33.69
C ILE B 271 -9.81 -13.84 -33.96
N ILE B 272 -10.92 -13.28 -33.49
CA ILE B 272 -12.25 -13.87 -33.71
C ILE B 272 -12.54 -14.02 -35.21
N GLU B 273 -12.31 -12.92 -35.93
CA GLU B 273 -12.47 -12.84 -37.39
C GLU B 273 -11.81 -14.01 -38.15
N LYS B 274 -10.55 -14.29 -37.82
CA LYS B 274 -9.72 -15.19 -38.63
C LYS B 274 -9.52 -16.58 -38.03
N SER B 275 -9.75 -16.73 -36.73
CA SER B 275 -9.51 -18.02 -36.06
C SER B 275 -10.34 -19.13 -36.70
N PRO B 276 -9.67 -20.25 -37.10
CA PRO B 276 -10.36 -21.43 -37.60
C PRO B 276 -11.23 -22.08 -36.53
N ARG B 277 -10.68 -22.25 -35.32
CA ARG B 277 -11.46 -22.71 -34.16
C ARG B 277 -12.42 -21.61 -33.67
N THR B 278 -13.56 -22.02 -33.14
CA THR B 278 -14.48 -21.05 -32.56
C THR B 278 -13.79 -20.41 -31.37
N VAL B 279 -13.82 -19.08 -31.34
CA VAL B 279 -13.19 -18.35 -30.24
C VAL B 279 -14.19 -18.23 -29.09
N VAL B 280 -13.72 -18.56 -27.88
CA VAL B 280 -14.49 -18.42 -26.65
C VAL B 280 -13.75 -17.56 -25.63
N LEU B 281 -14.31 -16.40 -25.31
CA LEU B 281 -13.66 -15.51 -24.37
C LEU B 281 -14.12 -15.72 -22.92
N GLU B 282 -13.34 -15.18 -21.98
CA GLU B 282 -13.82 -15.02 -20.63
C GLU B 282 -14.93 -13.96 -20.69
N ALA B 283 -15.91 -14.09 -19.79
CA ALA B 283 -17.16 -13.32 -19.85
C ALA B 283 -16.99 -11.81 -19.80
N ASN B 284 -16.14 -11.33 -18.89
CA ASN B 284 -15.85 -9.90 -18.85
C ASN B 284 -15.23 -9.40 -20.18
N MET B 285 -14.38 -10.22 -20.79
CA MET B 285 -13.79 -9.84 -22.08
C MET B 285 -14.87 -9.85 -23.17
N ALA B 286 -15.72 -10.88 -23.16
CA ALA B 286 -16.87 -10.95 -24.06
C ALA B 286 -17.79 -9.72 -23.92
N ALA B 287 -18.14 -9.37 -22.69
CA ALA B 287 -18.91 -8.15 -22.42
C ALA B 287 -18.23 -6.88 -22.97
N LEU B 288 -16.96 -6.68 -22.57
CA LEU B 288 -16.15 -5.60 -23.15
C LEU B 288 -16.30 -5.58 -24.67
N LEU B 289 -16.13 -6.74 -25.29
CA LEU B 289 -16.23 -6.87 -26.75
C LEU B 289 -17.61 -6.51 -27.31
N LEU B 290 -18.66 -6.90 -26.59
CA LEU B 290 -20.03 -6.55 -26.95
C LEU B 290 -20.22 -5.02 -26.84
N GLU B 291 -19.76 -4.44 -25.74
CA GLU B 291 -19.93 -3.03 -25.47
C GLU B 291 -19.22 -2.16 -26.51
N VAL B 292 -17.99 -2.54 -26.86
CA VAL B 292 -17.15 -1.78 -27.77
C VAL B 292 -17.56 -1.90 -29.23
N PHE B 293 -17.69 -3.13 -29.72
CA PHE B 293 -17.92 -3.34 -31.15
C PHE B 293 -19.33 -3.80 -31.54
N GLY B 294 -20.11 -4.25 -30.57
CA GLY B 294 -21.38 -4.94 -30.85
C GLY B 294 -21.13 -6.32 -31.43
N ILE B 295 -19.97 -6.87 -31.13
CA ILE B 295 -19.62 -8.20 -31.62
C ILE B 295 -20.00 -9.20 -30.54
N GLU B 296 -20.76 -10.21 -30.94
CA GLU B 296 -21.19 -11.27 -30.04
C GLU B 296 -20.31 -12.52 -30.19
N VAL B 297 -19.67 -12.90 -29.08
CA VAL B 297 -18.76 -14.03 -29.09
C VAL B 297 -19.21 -15.02 -28.02
N ARG B 298 -18.89 -16.29 -28.24
CA ARG B 298 -19.10 -17.29 -27.20
C ARG B 298 -18.18 -16.99 -26.02
N TYR B 299 -18.59 -17.40 -24.83
CA TYR B 299 -17.91 -17.02 -23.60
C TYR B 299 -18.09 -18.05 -22.51
N TYR B 300 -17.23 -17.98 -21.50
CA TYR B 300 -17.36 -18.81 -20.32
C TYR B 300 -17.10 -17.98 -19.06
N TYR B 301 -17.47 -18.54 -17.91
CA TYR B 301 -17.24 -17.91 -16.61
C TYR B 301 -16.01 -18.50 -15.92
N ALA B 302 -15.01 -17.66 -15.69
CA ALA B 302 -13.77 -18.10 -15.03
C ALA B 302 -13.82 -17.74 -13.54
N GLU B 303 -14.85 -17.00 -13.18
CA GLU B 303 -15.03 -16.42 -11.86
C GLU B 303 -16.52 -16.56 -11.52
N SER B 304 -16.88 -16.29 -10.26
CA SER B 304 -18.28 -16.25 -9.85
C SER B 304 -18.98 -15.02 -10.41
N GLY B 305 -20.30 -15.12 -10.52
CA GLY B 305 -21.13 -14.02 -11.02
C GLY B 305 -21.79 -14.35 -12.33
N LYS B 306 -22.64 -13.43 -12.77
CA LYS B 306 -23.21 -13.47 -14.11
C LYS B 306 -23.20 -12.04 -14.59
N ILE B 307 -23.03 -11.87 -15.90
CA ILE B 307 -23.11 -10.56 -16.52
C ILE B 307 -24.39 -10.59 -17.33
N PRO B 308 -25.40 -9.82 -16.89
CA PRO B 308 -26.74 -9.80 -17.48
C PRO B 308 -26.76 -9.41 -18.96
N GLU B 309 -25.82 -8.56 -19.37
CA GLU B 309 -25.78 -8.05 -20.75
C GLU B 309 -25.48 -9.17 -21.75
N LEU B 310 -24.84 -10.24 -21.28
CA LEU B 310 -24.48 -11.36 -22.14
C LEU B 310 -25.68 -12.25 -22.45
N ASN B 311 -25.67 -12.83 -23.64
CA ASN B 311 -26.69 -13.77 -24.08
C ASN B 311 -26.35 -15.17 -23.55
N PRO B 312 -27.18 -15.70 -22.61
CA PRO B 312 -26.90 -16.98 -21.94
C PRO B 312 -26.72 -18.14 -22.90
N ALA B 313 -27.31 -18.03 -24.09
CA ALA B 313 -27.23 -19.06 -25.12
C ALA B 313 -25.84 -19.11 -25.74
N LEU B 314 -25.08 -18.02 -25.61
CA LEU B 314 -23.68 -17.97 -26.06
C LEU B 314 -22.66 -18.47 -25.02
N GLU B 315 -23.13 -18.82 -23.82
CA GLU B 315 -22.25 -19.42 -22.82
C GLU B 315 -21.90 -20.86 -23.15
N ILE B 316 -20.60 -21.15 -23.16
CA ILE B 316 -20.09 -22.51 -23.18
C ILE B 316 -19.71 -22.90 -21.74
N PRO B 317 -20.14 -24.08 -21.26
CA PRO B 317 -19.69 -24.58 -19.95
C PRO B 317 -18.17 -24.71 -19.82
N TYR B 318 -17.66 -24.36 -18.64
CA TYR B 318 -16.23 -24.43 -18.35
C TYR B 318 -15.64 -25.82 -18.61
N ASP B 319 -16.38 -26.87 -18.26
CA ASP B 319 -15.89 -28.24 -18.41
C ASP B 319 -15.82 -28.68 -19.87
N THR B 320 -16.70 -28.12 -20.70
CA THR B 320 -16.64 -28.34 -22.15
C THR B 320 -15.29 -27.85 -22.65
N LEU B 321 -14.89 -26.66 -22.18
CA LEU B 321 -13.58 -26.10 -22.52
C LEU B 321 -12.41 -26.98 -22.03
N LEU B 322 -12.45 -27.37 -20.76
CA LEU B 322 -11.37 -28.20 -20.18
C LEU B 322 -11.12 -29.49 -20.96
N LYS B 323 -12.17 -30.02 -21.58
CA LYS B 323 -12.09 -31.24 -22.37
C LYS B 323 -11.69 -31.04 -23.84
N ASP B 324 -11.94 -29.84 -24.36
CA ASP B 324 -11.77 -29.59 -25.80
C ASP B 324 -10.35 -29.85 -26.32
N LYS B 325 -10.30 -30.42 -27.52
CA LYS B 325 -9.04 -30.60 -28.26
C LYS B 325 -9.22 -30.27 -29.74
N THR B 326 -10.41 -29.79 -30.11
CA THR B 326 -10.75 -29.62 -31.54
C THR B 326 -11.48 -28.33 -31.93
N ASP B 327 -12.48 -27.94 -31.16
CA ASP B 327 -13.44 -26.91 -31.60
C ASP B 327 -13.13 -25.47 -31.17
N TYR B 328 -12.29 -25.32 -30.14
CA TYR B 328 -12.20 -24.04 -29.45
C TYR B 328 -10.79 -23.49 -29.23
N LEU B 329 -10.62 -22.21 -29.57
CA LEU B 329 -9.49 -21.43 -29.05
C LEU B 329 -10.09 -20.63 -27.91
N TRP B 330 -9.73 -20.97 -26.67
CA TRP B 330 -10.36 -20.29 -25.55
C TRP B 330 -9.41 -19.47 -24.68
N GLN B 331 -9.91 -18.36 -24.16
CA GLN B 331 -9.10 -17.44 -23.37
C GLN B 331 -8.94 -17.89 -21.92
N VAL B 332 -7.75 -18.39 -21.56
CA VAL B 332 -7.49 -18.88 -20.19
C VAL B 332 -6.88 -17.72 -19.39
N VAL B 333 -7.41 -17.48 -18.19
CA VAL B 333 -6.98 -16.35 -17.36
C VAL B 333 -6.63 -16.71 -15.91
N ASN B 334 -6.91 -17.96 -15.53
CA ASN B 334 -6.72 -18.46 -14.16
C ASN B 334 -6.86 -20.00 -14.15
N GLN B 335 -6.74 -20.62 -12.98
CA GLN B 335 -6.97 -22.06 -12.84
C GLN B 335 -6.15 -22.83 -13.87
N PHE B 336 -4.87 -22.48 -13.97
CA PHE B 336 -3.99 -22.97 -15.04
C PHE B 336 -3.67 -24.45 -14.90
N ASP B 337 -3.78 -24.95 -13.67
CA ASP B 337 -3.58 -26.37 -13.41
C ASP B 337 -4.66 -27.25 -14.05
N ASN B 338 -5.81 -26.65 -14.36
CA ASN B 338 -6.90 -27.36 -15.04
C ASN B 338 -6.63 -27.61 -16.53
N LEU B 339 -5.62 -26.94 -17.08
CA LEU B 339 -5.22 -27.12 -18.47
C LEU B 339 -4.67 -28.51 -18.72
N GLN B 340 -4.89 -29.02 -19.93
CA GLN B 340 -4.46 -30.38 -20.30
C GLN B 340 -2.95 -30.46 -20.41
N GLU B 341 -2.39 -31.58 -19.94
CA GLU B 341 -0.97 -31.86 -20.19
C GLU B 341 -0.71 -31.94 -21.70
N GLY B 342 0.39 -31.35 -22.16
CA GLY B 342 0.77 -31.40 -23.57
C GLY B 342 0.00 -30.43 -24.45
N SER B 343 -0.78 -29.53 -23.83
CA SER B 343 -1.55 -28.54 -24.58
C SER B 343 -0.71 -27.35 -25.09
N LEU B 344 -1.36 -26.47 -25.86
CA LEU B 344 -0.71 -25.30 -26.41
C LEU B 344 -1.33 -24.01 -25.87
N TYR B 345 -0.50 -23.21 -25.19
CA TYR B 345 -0.90 -21.90 -24.68
C TYR B 345 -0.19 -20.75 -25.41
N ILE B 346 -0.98 -19.82 -25.94
CA ILE B 346 -0.48 -18.67 -26.68
C ILE B 346 -0.60 -17.38 -25.85
N HIS B 347 0.54 -16.86 -25.39
CA HIS B 347 0.63 -15.66 -24.57
C HIS B 347 0.85 -14.48 -25.50
N SER B 348 -0.20 -13.72 -25.78
CA SER B 348 -0.13 -12.61 -26.73
C SER B 348 -0.26 -11.25 -26.01
N ASP B 349 0.82 -10.87 -25.32
CA ASP B 349 0.93 -9.59 -24.59
C ASP B 349 0.05 -9.49 -23.33
N ALA B 350 -0.26 -10.64 -22.74
CA ALA B 350 -1.05 -10.71 -21.52
C ALA B 350 -0.16 -10.64 -20.27
N GLN B 351 -0.72 -10.24 -19.14
CA GLN B 351 0.01 -10.28 -17.86
C GLN B 351 0.19 -11.73 -17.43
N PRO B 352 1.33 -12.07 -16.78
CA PRO B 352 2.51 -11.23 -16.52
C PRO B 352 3.25 -10.99 -17.83
N LEU B 353 3.77 -9.78 -18.01
CA LEU B 353 4.29 -9.34 -19.30
C LEU B 353 5.69 -9.90 -19.58
N GLY B 354 6.49 -10.02 -18.53
CA GLY B 354 7.88 -10.42 -18.68
C GLY B 354 8.64 -10.51 -17.36
N ASP B 355 9.96 -10.58 -17.47
CA ASP B 355 10.86 -10.84 -16.34
C ASP B 355 10.85 -9.77 -15.25
N PHE B 356 10.44 -8.56 -15.61
CA PHE B 356 10.33 -7.44 -14.66
C PHE B 356 9.16 -7.63 -13.70
N ASP B 357 8.42 -8.72 -13.89
CA ASP B 357 7.33 -9.14 -13.03
C ASP B 357 7.82 -10.38 -12.31
N PRO B 358 7.79 -10.36 -10.96
CA PRO B 358 8.26 -11.51 -10.16
C PRO B 358 7.37 -12.75 -10.30
N GLN B 359 6.42 -12.71 -11.23
CA GLN B 359 5.44 -13.79 -11.39
C GLN B 359 5.39 -14.36 -12.82
N TYR B 360 6.27 -13.88 -13.69
CA TYR B 360 6.40 -14.40 -15.05
C TYR B 360 7.10 -15.76 -15.03
N ARG B 361 8.15 -15.87 -14.20
CA ARG B 361 8.92 -17.10 -14.11
C ARG B 361 8.21 -18.20 -13.33
N VAL B 362 7.31 -17.82 -12.41
CA VAL B 362 6.51 -18.81 -11.69
C VAL B 362 5.36 -19.31 -12.58
N PHE B 363 5.06 -18.54 -13.61
CA PHE B 363 3.98 -18.84 -14.54
C PHE B 363 4.49 -19.71 -15.69
N LEU B 364 5.68 -19.40 -16.21
CA LEU B 364 6.27 -20.18 -17.30
C LEU B 364 6.75 -21.56 -16.85
N ASP B 365 6.98 -21.71 -15.55
CA ASP B 365 7.49 -22.98 -15.02
C ASP B 365 6.36 -23.91 -14.55
N LEU B 366 5.23 -23.33 -14.12
CA LEU B 366 4.01 -24.10 -13.87
C LEU B 366 3.52 -24.77 -15.16
N LEU B 367 3.57 -24.03 -16.27
CA LEU B 367 3.20 -24.54 -17.58
C LEU B 367 4.18 -25.62 -18.10
N ALA B 368 5.47 -25.45 -17.79
CA ALA B 368 6.51 -26.42 -18.17
C ALA B 368 6.36 -27.73 -17.41
N LYS B 369 6.11 -27.63 -16.09
CA LYS B 369 5.82 -28.78 -15.24
C LYS B 369 4.73 -29.66 -15.85
N LYS B 370 3.75 -29.02 -16.48
CA LYS B 370 2.61 -29.73 -17.05
C LYS B 370 2.78 -30.02 -18.53
N ASP B 371 4.00 -29.84 -19.03
CA ASP B 371 4.34 -30.10 -20.44
C ASP B 371 3.51 -29.28 -21.44
N ILE B 372 2.93 -28.17 -20.98
CA ILE B 372 2.24 -27.23 -21.86
C ILE B 372 3.30 -26.42 -22.64
N THR B 373 3.11 -26.35 -23.95
CA THR B 373 3.96 -25.54 -24.82
C THR B 373 3.56 -24.08 -24.70
N PHE B 374 4.53 -23.25 -24.33
CA PHE B 374 4.39 -21.80 -24.22
C PHE B 374 4.91 -21.14 -25.48
N VAL B 375 4.02 -20.44 -26.18
CA VAL B 375 4.40 -19.65 -27.34
C VAL B 375 4.08 -18.20 -27.04
N ARG B 376 5.11 -17.36 -27.10
CA ARG B 376 4.97 -15.93 -26.97
C ARG B 376 4.69 -15.34 -28.34
N LEU B 377 3.53 -14.70 -28.49
CA LEU B 377 3.18 -14.09 -29.76
C LEU B 377 2.96 -12.62 -29.50
N ALA B 378 4.08 -11.90 -29.34
CA ALA B 378 4.09 -10.50 -28.94
C ALA B 378 4.23 -9.53 -30.11
N CYS B 379 3.49 -8.43 -30.05
CA CYS B 379 3.61 -7.35 -30.99
C CYS B 379 3.40 -6.07 -30.16
N SER B 380 4.47 -5.27 -30.06
CA SER B 380 4.50 -4.11 -29.18
C SER B 380 3.49 -3.03 -29.61
N GLY B 381 3.09 -2.21 -28.65
CA GLY B 381 2.24 -1.07 -28.91
C GLY B 381 3.09 0.12 -29.32
N HIS B 382 4.40 -0.05 -29.23
CA HIS B 382 5.33 1.07 -29.36
C HIS B 382 6.14 0.99 -30.64
N ALA B 383 6.19 2.13 -31.33
CA ALA B 383 6.93 2.28 -32.58
C ALA B 383 8.32 1.68 -32.42
N ILE B 384 8.69 0.82 -33.36
CA ILE B 384 10.05 0.24 -33.44
C ILE B 384 11.06 1.38 -33.70
N PRO B 385 12.34 1.19 -33.33
CA PRO B 385 13.33 2.28 -33.44
C PRO B 385 13.40 2.96 -34.81
N GLU B 386 13.26 2.22 -35.91
CA GLU B 386 13.28 2.83 -37.24
C GLU B 386 11.96 3.57 -37.56
N ASP B 387 10.88 3.15 -36.90
CA ASP B 387 9.58 3.81 -37.09
C ASP B 387 9.51 5.08 -36.29
N LEU B 388 10.25 5.12 -35.17
CA LEU B 388 10.45 6.37 -34.43
C LEU B 388 11.12 7.45 -35.30
N ASP B 389 12.19 7.07 -35.99
CA ASP B 389 12.89 7.98 -36.91
C ASP B 389 12.01 8.40 -38.07
N LYS B 390 11.25 7.43 -38.59
CA LYS B 390 10.27 7.69 -39.64
C LYS B 390 9.26 8.76 -39.22
N ILE B 391 8.80 8.68 -37.97
CA ILE B 391 7.81 9.63 -37.45
C ILE B 391 8.42 11.03 -37.34
N ILE B 392 9.62 11.12 -36.79
CA ILE B 392 10.34 12.40 -36.73
C ILE B 392 10.62 12.99 -38.13
N ALA B 393 10.97 12.12 -39.08
CA ALA B 393 11.14 12.52 -40.49
C ALA B 393 9.88 13.12 -41.12
N LEU B 394 8.72 12.59 -40.78
CA LEU B 394 7.46 13.08 -41.34
C LEU B 394 7.03 14.40 -40.71
N ILE B 395 7.37 14.57 -39.44
CA ILE B 395 6.93 15.74 -38.69
C ILE B 395 7.89 16.91 -38.86
N GLU B 396 9.18 16.58 -38.96
CA GLU B 396 10.26 17.57 -39.00
C GLU B 396 10.05 18.57 -37.85
N PRO B 397 10.17 18.07 -36.60
CA PRO B 397 9.97 18.94 -35.43
C PRO B 397 11.05 20.02 -35.34
N GLN B 398 10.67 21.24 -34.95
CA GLN B 398 11.66 22.30 -34.69
C GLN B 398 12.48 21.95 -33.42
N VAL B 399 11.79 21.48 -32.37
CA VAL B 399 12.45 20.95 -31.17
C VAL B 399 11.79 19.61 -30.85
N LEU B 400 12.62 18.62 -30.51
CA LEU B 400 12.18 17.32 -30.07
C LEU B 400 12.43 17.13 -28.56
N VAL B 401 11.41 16.62 -27.85
CA VAL B 401 11.53 16.35 -26.42
C VAL B 401 11.22 14.87 -26.15
N PRO B 402 12.27 14.03 -26.10
CA PRO B 402 12.03 12.63 -25.77
C PRO B 402 11.47 12.54 -24.35
N ILE B 403 10.43 11.74 -24.18
CA ILE B 403 9.82 11.48 -22.87
C ILE B 403 9.42 10.01 -22.89
N HIS B 404 9.00 9.48 -21.76
CA HIS B 404 8.46 8.11 -21.73
C HIS B 404 9.52 7.14 -22.31
N THR B 405 10.75 7.33 -21.86
CA THR B 405 11.89 6.57 -22.36
C THR B 405 12.98 6.57 -21.28
N LEU B 406 13.76 5.49 -21.25
CA LEU B 406 14.91 5.41 -20.36
C LEU B 406 16.20 5.90 -21.05
N LYS B 407 16.15 6.04 -22.37
CA LYS B 407 17.33 6.49 -23.13
C LYS B 407 17.00 7.62 -24.12
N PRO B 408 16.67 8.82 -23.60
CA PRO B 408 16.23 9.96 -24.41
C PRO B 408 17.31 10.47 -25.39
N GLU B 409 18.57 10.33 -25.00
CA GLU B 409 19.69 10.75 -25.83
C GLU B 409 19.82 9.94 -27.14
N LYS B 410 19.15 8.79 -27.19
CA LYS B 410 19.16 7.94 -28.38
C LYS B 410 18.14 8.37 -29.43
N LEU B 411 17.23 9.25 -29.05
CA LEU B 411 16.23 9.79 -29.98
C LEU B 411 16.73 11.11 -30.56
N GLU B 412 16.97 11.10 -31.87
CA GLU B 412 17.61 12.24 -32.54
C GLU B 412 16.67 13.05 -33.42
N ASN B 413 16.94 14.35 -33.46
CA ASN B 413 16.24 15.30 -34.29
C ASN B 413 17.15 15.93 -35.38
N PRO B 414 17.26 15.26 -36.56
CA PRO B 414 17.90 15.82 -37.75
C PRO B 414 17.40 17.20 -38.17
N TYR B 415 16.15 17.54 -37.80
CA TYR B 415 15.45 18.66 -38.43
C TYR B 415 15.42 19.93 -37.59
N GLY B 416 16.11 19.88 -36.47
CA GLY B 416 16.05 20.97 -35.53
C GLY B 416 16.77 20.56 -34.27
N GLU B 417 16.36 21.16 -33.17
CA GLU B 417 17.03 20.97 -31.91
C GLU B 417 16.37 19.89 -31.04
N ARG B 418 16.91 19.71 -29.84
CA ARG B 418 16.42 18.69 -28.93
C ARG B 418 16.58 19.23 -27.53
N ILE B 419 15.62 18.90 -26.65
CA ILE B 419 15.74 19.24 -25.24
C ILE B 419 15.59 17.94 -24.45
N LEU B 420 16.54 17.66 -23.57
CA LEU B 420 16.46 16.51 -22.68
C LEU B 420 16.00 16.99 -21.32
N PRO B 421 14.68 16.85 -21.05
CA PRO B 421 14.10 17.46 -19.85
C PRO B 421 14.52 16.73 -18.57
N GLU B 422 14.55 17.47 -17.48
CA GLU B 422 14.66 16.88 -16.15
C GLU B 422 13.29 16.91 -15.48
N ARG B 423 13.08 16.03 -14.50
CA ARG B 423 11.83 16.03 -13.74
C ARG B 423 11.59 17.42 -13.11
N GLY B 424 10.38 17.95 -13.30
CA GLY B 424 10.01 19.25 -12.73
C GLY B 424 10.40 20.45 -13.59
N GLU B 425 11.14 20.19 -14.67
CA GLU B 425 11.63 21.27 -15.52
C GLU B 425 10.52 22.00 -16.27
N GLN B 426 10.64 23.33 -16.26
CA GLN B 426 9.78 24.23 -17.02
C GLN B 426 10.48 24.79 -18.24
N ILE B 427 9.83 24.67 -19.39
CA ILE B 427 10.28 25.24 -20.65
C ILE B 427 9.35 26.41 -20.96
N VAL B 428 9.94 27.57 -21.26
CA VAL B 428 9.19 28.73 -21.74
C VAL B 428 9.38 28.85 -23.26
N LEU B 429 8.28 28.82 -23.99
CA LEU B 429 8.35 28.76 -25.44
C LEU B 429 8.78 30.08 -26.10
#